data_5VRD
#
_entry.id   5VRD
#
_cell.length_a   103.936
_cell.length_b   103.936
_cell.length_c   243.485
_cell.angle_alpha   90.00
_cell.angle_beta   90.00
_cell.angle_gamma   90.00
#
_symmetry.space_group_name_H-M   'P 41 21 2'
#
_entity_poly.entity_id   1
_entity_poly.type   'polypeptide(L)'
_entity_poly.pdbx_seq_one_letter_code
;MGSSHHHHHHSSGLVPRGSHMTAQFPPPVPDTEQRLLSHEELEAALRDIGARRYHNLHPFHRLLHDGKLSKDQVRAWALN
RYYYQAMIPVKDAALLARLPDAQLRRIWRQRIVDHDGDHEGDGGIERWLKLAEGVGFTRDYVLSTKGILSATRFSVDAYV
HFVSERSLLEAIASSLTEMFSPTIISERVAGMLKNYDFITKDTLAYFDKRLTQAPRDADFALDYVKRHATTPEMQRAAID
ALTFKCNVLWTQLDALYFAYVAPGMVPPDAWQPGEGLVAETNSAEDSPAAAASPAATTAEPTAFSGSDVPRLPRGVRLRF
DEVRNKHVLLAPERTFDLDDNAVAVLKLVDGRNTVSQIAQILGQTYDADPAIIEADILPMLAGLAQKRVLER
;
_entity_poly.pdbx_strand_id   D,A,B,C
#
# COMPACT_ATOMS: atom_id res chain seq x y z
N ARG A 35 -35.12 -9.55 7.83
CA ARG A 35 -33.84 -9.21 8.54
C ARG A 35 -33.83 -7.79 9.13
N LEU A 36 -33.67 -7.71 10.47
CA LEU A 36 -33.72 -6.48 11.30
C LEU A 36 -32.28 -5.92 11.50
N LEU A 37 -32.04 -5.07 12.51
CA LEU A 37 -30.68 -4.63 12.92
C LEU A 37 -30.02 -5.63 13.88
N SER A 38 -28.68 -5.48 14.17
CA SER A 38 -27.83 -6.42 15.01
C SER A 38 -26.85 -5.91 16.27
N HIS A 39 -25.53 -5.73 16.03
CA HIS A 39 -24.41 -5.12 16.94
C HIS A 39 -23.78 -5.88 18.14
N GLU A 40 -22.74 -6.69 17.86
CA GLU A 40 -22.32 -7.89 18.64
C GLU A 40 -23.01 -9.22 18.20
N GLU A 41 -24.28 -9.11 17.80
CA GLU A 41 -24.91 -10.08 16.93
C GLU A 41 -24.26 -10.02 15.55
N LEU A 42 -23.89 -8.80 15.16
CA LEU A 42 -23.12 -8.50 13.94
C LEU A 42 -21.75 -9.07 13.97
N GLU A 43 -21.12 -9.16 15.14
CA GLU A 43 -19.78 -9.76 15.23
C GLU A 43 -19.92 -11.27 14.99
N ALA A 44 -20.95 -11.85 15.62
CA ALA A 44 -21.27 -13.26 15.43
C ALA A 44 -21.86 -13.62 14.05
N ALA A 45 -22.20 -12.62 13.22
CA ALA A 45 -22.57 -12.87 11.82
C ALA A 45 -21.30 -12.86 10.96
N LEU A 46 -20.41 -11.90 11.25
CA LEU A 46 -19.12 -11.80 10.60
C LEU A 46 -18.26 -13.02 10.96
N ARG A 47 -17.98 -13.25 12.23
CA ARG A 47 -17.32 -14.51 12.68
C ARG A 47 -17.85 -15.77 11.99
N ASP A 48 -19.17 -15.83 11.84
CA ASP A 48 -19.85 -17.03 11.33
C ASP A 48 -19.58 -17.33 9.83
N ILE A 49 -19.37 -16.31 9.03
CA ILE A 49 -18.85 -16.51 7.67
C ILE A 49 -17.52 -17.25 7.67
N GLY A 50 -16.60 -16.90 8.56
CA GLY A 50 -15.35 -17.66 8.71
C GLY A 50 -15.45 -19.08 9.28
N ALA A 51 -16.51 -19.33 10.04
CA ALA A 51 -16.84 -20.66 10.52
C ALA A 51 -17.07 -21.63 9.34
N ARG A 52 -17.46 -21.08 8.18
CA ARG A 52 -17.71 -21.84 6.95
C ARG A 52 -16.87 -21.35 5.74
N ARG A 53 -17.11 -20.12 5.29
CA ARG A 53 -16.67 -19.69 3.97
C ARG A 53 -15.18 -19.36 3.90
N TYR A 54 -14.49 -19.39 5.05
CA TYR A 54 -13.07 -18.99 5.15
C TYR A 54 -12.17 -20.11 4.66
N HIS A 55 -11.08 -19.77 3.99
CA HIS A 55 -10.32 -20.77 3.21
C HIS A 55 -9.77 -22.05 3.96
N ASN A 56 -9.66 -22.04 5.29
CA ASN A 56 -9.20 -23.24 6.07
C ASN A 56 -10.05 -24.54 5.95
N LEU A 57 -11.33 -24.39 5.58
CA LEU A 57 -12.26 -25.49 5.30
C LEU A 57 -12.21 -25.95 3.82
N HIS A 58 -11.04 -25.86 3.16
CA HIS A 58 -10.90 -26.15 1.72
C HIS A 58 -10.06 -27.39 1.49
N PRO A 59 -10.47 -28.27 0.56
CA PRO A 59 -9.61 -29.41 0.20
C PRO A 59 -8.12 -29.13 0.05
N PHE A 60 -7.77 -28.10 -0.72
CA PHE A 60 -6.38 -27.64 -0.78
C PHE A 60 -5.77 -27.28 0.56
N HIS A 61 -6.50 -26.50 1.38
CA HIS A 61 -5.97 -26.08 2.70
C HIS A 61 -5.89 -27.23 3.72
N ARG A 62 -6.90 -28.11 3.73
CA ARG A 62 -6.82 -29.40 4.43
C ARG A 62 -5.58 -30.19 3.98
N LEU A 63 -5.48 -30.49 2.69
CA LEU A 63 -4.30 -31.19 2.17
C LEU A 63 -2.94 -30.56 2.51
N LEU A 64 -2.83 -29.24 2.46
CA LEU A 64 -1.61 -28.56 2.81
C LEU A 64 -1.36 -28.72 4.29
N HIS A 65 -2.34 -28.33 5.11
CA HIS A 65 -2.25 -28.46 6.56
C HIS A 65 -1.77 -29.87 6.94
N ASP A 66 -2.51 -30.91 6.54
CA ASP A 66 -2.14 -32.30 6.88
C ASP A 66 -0.87 -32.80 6.16
N GLY A 67 -0.22 -32.00 5.34
CA GLY A 67 0.98 -32.43 4.67
C GLY A 67 0.86 -33.53 3.60
N LYS A 68 -0.20 -33.54 2.81
CA LYS A 68 -0.37 -34.61 1.81
C LYS A 68 -0.05 -34.17 0.38
N LEU A 69 0.14 -32.87 0.14
CA LEU A 69 0.60 -32.35 -1.18
C LEU A 69 2.04 -32.76 -1.44
N SER A 70 2.42 -32.87 -2.72
CA SER A 70 3.80 -33.18 -3.07
C SER A 70 4.57 -31.89 -2.91
N LYS A 71 5.87 -31.92 -3.25
CA LYS A 71 6.67 -30.69 -3.18
C LYS A 71 6.17 -29.68 -4.24
N ASP A 72 5.86 -30.17 -5.46
CA ASP A 72 5.38 -29.37 -6.60
C ASP A 72 4.09 -28.66 -6.28
N GLN A 73 3.17 -29.36 -5.63
CA GLN A 73 1.96 -28.70 -5.16
C GLN A 73 2.20 -27.56 -4.10
N VAL A 74 3.14 -27.71 -3.14
CA VAL A 74 3.58 -26.52 -2.32
C VAL A 74 4.29 -25.48 -3.22
N ARG A 75 5.01 -25.94 -4.27
CA ARG A 75 5.53 -25.01 -5.31
C ARG A 75 4.37 -24.18 -5.96
N ALA A 76 3.32 -24.82 -6.46
CA ALA A 76 2.30 -24.02 -7.13
C ALA A 76 1.72 -23.02 -6.15
N TRP A 77 1.20 -23.51 -5.03
CA TRP A 77 0.56 -22.67 -4.01
C TRP A 77 1.40 -21.43 -3.69
N ALA A 78 2.68 -21.69 -3.44
CA ALA A 78 3.59 -20.64 -3.01
C ALA A 78 3.75 -19.61 -4.08
N LEU A 79 3.80 -20.05 -5.36
CA LEU A 79 3.92 -19.14 -6.54
C LEU A 79 2.74 -18.26 -6.73
N ASN A 80 1.61 -18.85 -6.50
CA ASN A 80 0.36 -18.20 -6.84
C ASN A 80 0.09 -17.27 -5.65
N ARG A 81 0.16 -17.78 -4.44
CA ARG A 81 -0.05 -16.89 -3.30
C ARG A 81 0.84 -15.61 -3.29
N TYR A 82 2.01 -15.64 -3.92
CA TYR A 82 2.85 -14.45 -3.93
C TYR A 82 2.02 -13.33 -4.44
N TYR A 83 1.26 -13.66 -5.48
CA TYR A 83 0.47 -12.68 -6.23
C TYR A 83 -0.58 -11.96 -5.35
N TYR A 84 -1.16 -12.71 -4.43
CA TYR A 84 -2.15 -12.20 -3.50
C TYR A 84 -1.47 -11.28 -2.50
N GLN A 85 -0.25 -11.66 -2.10
CA GLN A 85 0.53 -10.97 -1.12
C GLN A 85 1.21 -9.68 -1.69
N ALA A 86 1.66 -9.81 -2.91
CA ALA A 86 2.18 -8.68 -3.62
C ALA A 86 1.11 -7.57 -3.88
N MET A 87 -0.16 -7.95 -3.94
CA MET A 87 -1.20 -7.08 -4.33
C MET A 87 -1.97 -6.54 -3.19
N ILE A 88 -1.69 -6.95 -1.95
CA ILE A 88 -2.38 -6.36 -0.78
C ILE A 88 -2.03 -4.90 -0.52
N PRO A 89 -0.75 -4.49 -0.70
CA PRO A 89 -0.45 -3.05 -0.65
C PRO A 89 -1.17 -2.27 -1.78
N VAL A 90 -1.36 -2.93 -2.92
CA VAL A 90 -2.01 -2.29 -4.04
C VAL A 90 -3.49 -2.06 -3.64
N LYS A 91 -4.13 -3.12 -3.21
CA LYS A 91 -5.43 -3.01 -2.57
C LYS A 91 -5.48 -1.84 -1.57
N ASP A 92 -4.58 -1.83 -0.57
CA ASP A 92 -4.68 -0.81 0.52
C ASP A 92 -4.34 0.63 0.07
N ALA A 93 -3.62 0.77 -1.03
CA ALA A 93 -3.41 2.06 -1.63
C ALA A 93 -4.69 2.53 -2.31
N ALA A 94 -5.15 1.70 -3.20
CA ALA A 94 -6.38 1.91 -3.84
C ALA A 94 -7.41 2.34 -2.81
N LEU A 95 -7.46 1.61 -1.70
CA LEU A 95 -8.36 1.89 -0.59
C LEU A 95 -8.05 3.17 0.16
N LEU A 96 -6.74 3.44 0.37
CA LEU A 96 -6.20 4.69 0.98
C LEU A 96 -6.61 5.94 0.21
N ALA A 97 -6.74 5.80 -1.11
CA ALA A 97 -7.04 6.92 -1.99
C ALA A 97 -8.53 7.39 -1.95
N ARG A 98 -9.39 6.45 -1.61
CA ARG A 98 -10.82 6.64 -1.54
C ARG A 98 -11.13 7.16 -0.09
N LEU A 99 -10.18 7.28 0.84
CA LEU A 99 -10.53 7.71 2.22
C LEU A 99 -10.73 9.22 2.39
N PRO A 100 -11.75 9.61 3.16
CA PRO A 100 -12.22 11.00 3.15
C PRO A 100 -11.34 12.01 3.90
N ASP A 101 -10.43 11.53 4.75
CA ASP A 101 -9.56 12.44 5.56
C ASP A 101 -8.15 11.89 6.01
N ALA A 102 -7.30 12.79 6.50
CA ALA A 102 -5.96 12.39 6.96
C ALA A 102 -5.93 11.46 8.20
N GLN A 103 -6.80 11.68 9.18
CA GLN A 103 -6.85 10.82 10.40
C GLN A 103 -7.04 9.35 10.03
N LEU A 104 -7.85 9.08 9.00
CA LEU A 104 -8.10 7.73 8.52
C LEU A 104 -6.99 7.19 7.65
N ARG A 105 -6.47 8.04 6.79
CA ARG A 105 -5.40 7.58 5.95
C ARG A 105 -4.28 7.08 6.84
N ARG A 106 -4.04 7.78 7.97
CA ARG A 106 -2.98 7.45 8.96
C ARG A 106 -3.09 6.10 9.60
N ILE A 107 -4.27 5.76 10.07
CA ILE A 107 -4.56 4.41 10.52
C ILE A 107 -4.28 3.39 9.44
N TRP A 108 -4.83 3.61 8.24
CA TRP A 108 -4.77 2.61 7.15
C TRP A 108 -3.38 2.48 6.56
N ARG A 109 -2.64 3.57 6.51
CA ARG A 109 -1.27 3.57 6.00
C ARG A 109 -0.40 2.47 6.67
N GLN A 110 -0.70 2.13 7.92
CA GLN A 110 0.05 1.05 8.58
C GLN A 110 0.04 -0.29 7.82
N ARG A 111 -1.11 -0.64 7.25
CA ARG A 111 -1.25 -1.86 6.49
C ARG A 111 -0.29 -1.88 5.28
N ILE A 112 -0.24 -0.75 4.58
CA ILE A 112 0.69 -0.58 3.46
C ILE A 112 2.13 -0.89 3.95
N VAL A 113 2.52 -0.27 5.07
CA VAL A 113 3.87 -0.41 5.67
C VAL A 113 4.19 -1.91 6.06
N ASP A 114 3.31 -2.51 6.86
CA ASP A 114 3.40 -3.93 7.15
C ASP A 114 3.82 -4.71 5.92
N HIS A 115 3.24 -4.39 4.76
CA HIS A 115 3.54 -5.22 3.56
C HIS A 115 4.74 -4.84 2.70
N ASP A 116 5.04 -3.54 2.59
CA ASP A 116 6.17 -3.05 1.75
C ASP A 116 7.45 -2.91 2.56
N GLY A 117 7.36 -3.12 3.87
CA GLY A 117 8.35 -2.67 4.81
C GLY A 117 8.10 -1.23 5.14
N GLY A 121 14.95 -1.26 4.11
CA GLY A 121 13.71 -1.39 3.29
C GLY A 121 13.47 -2.85 2.88
N ASP A 122 12.39 -3.43 3.47
CA ASP A 122 12.13 -4.95 3.73
C ASP A 122 11.10 -5.31 4.86
N GLY A 123 9.94 -5.89 4.43
CA GLY A 123 8.71 -6.07 5.27
C GLY A 123 7.91 -7.34 4.99
N GLY A 124 6.60 -7.24 4.71
CA GLY A 124 5.70 -8.40 4.49
C GLY A 124 5.78 -9.23 3.17
N ILE A 125 5.87 -8.54 2.04
CA ILE A 125 5.97 -9.19 0.73
C ILE A 125 7.27 -9.96 0.65
N GLU A 126 8.28 -9.40 1.33
CA GLU A 126 9.64 -9.94 1.33
C GLU A 126 9.75 -11.28 2.04
N ARG A 127 9.14 -11.44 3.20
CA ARG A 127 9.02 -12.81 3.71
C ARG A 127 8.49 -13.75 2.60
N TRP A 128 7.44 -13.33 1.87
CA TRP A 128 6.75 -14.28 0.97
C TRP A 128 7.64 -14.74 -0.15
N LEU A 129 8.44 -13.82 -0.72
CA LEU A 129 9.54 -14.17 -1.64
C LEU A 129 10.56 -15.15 -1.04
N LYS A 130 10.81 -15.03 0.26
CA LYS A 130 11.65 -16.00 0.95
C LYS A 130 11.00 -17.37 0.87
N LEU A 131 9.70 -17.45 1.12
CA LEU A 131 9.05 -18.73 1.09
C LEU A 131 9.15 -19.36 -0.31
N ALA A 132 8.88 -18.56 -1.34
CA ALA A 132 9.00 -18.98 -2.75
C ALA A 132 10.47 -19.34 -3.08
N GLU A 133 11.42 -18.52 -2.62
CA GLU A 133 12.83 -18.78 -2.83
C GLU A 133 13.19 -20.12 -2.17
N GLY A 134 12.65 -20.31 -0.96
CA GLY A 134 12.91 -21.45 -0.07
C GLY A 134 12.35 -22.78 -0.47
N VAL A 135 11.42 -22.76 -1.42
CA VAL A 135 11.04 -24.00 -2.12
C VAL A 135 11.49 -24.03 -3.60
N GLY A 136 12.68 -23.45 -3.85
CA GLY A 136 13.43 -23.68 -5.07
C GLY A 136 13.32 -22.67 -6.18
N PHE A 137 12.31 -21.80 -6.16
CA PHE A 137 12.08 -20.78 -7.22
C PHE A 137 13.23 -19.76 -7.28
N THR A 138 13.38 -19.10 -8.45
CA THR A 138 14.29 -17.96 -8.58
C THR A 138 13.46 -16.76 -8.19
N ARG A 139 14.03 -15.85 -7.42
CA ARG A 139 13.41 -14.53 -7.17
C ARG A 139 12.76 -13.84 -8.43
N ASP A 140 13.32 -14.12 -9.62
CA ASP A 140 13.06 -13.37 -10.83
C ASP A 140 11.74 -13.86 -11.40
N TYR A 141 11.60 -15.18 -11.45
CA TYR A 141 10.38 -15.81 -11.96
C TYR A 141 9.13 -15.56 -11.11
N VAL A 142 9.27 -15.76 -9.82
CA VAL A 142 8.24 -15.47 -8.84
C VAL A 142 7.77 -13.99 -8.95
N LEU A 143 8.70 -13.07 -9.18
CA LEU A 143 8.41 -11.61 -9.14
C LEU A 143 7.61 -11.21 -10.31
N SER A 144 7.99 -11.76 -11.47
CA SER A 144 7.40 -11.44 -12.79
C SER A 144 5.94 -11.80 -12.92
N THR A 145 5.52 -12.82 -12.19
CA THR A 145 4.16 -13.45 -12.31
C THR A 145 3.84 -14.19 -13.65
N LYS A 146 4.77 -14.23 -14.64
CA LYS A 146 4.64 -15.07 -15.90
C LYS A 146 3.85 -16.33 -15.69
N GLY A 147 4.11 -17.06 -14.58
CA GLY A 147 3.55 -18.38 -14.34
C GLY A 147 2.42 -18.52 -13.35
N ILE A 148 1.76 -17.45 -12.92
CA ILE A 148 0.58 -17.63 -12.05
C ILE A 148 -0.60 -18.03 -12.90
N LEU A 149 -1.55 -18.74 -12.30
CA LEU A 149 -2.77 -19.11 -12.96
C LEU A 149 -3.71 -17.88 -13.11
N SER A 150 -4.41 -17.80 -14.25
CA SER A 150 -5.36 -16.75 -14.56
C SER A 150 -6.41 -16.56 -13.49
N ALA A 151 -6.93 -17.65 -12.91
CA ALA A 151 -7.93 -17.48 -11.86
C ALA A 151 -7.40 -16.69 -10.70
N THR A 152 -6.09 -16.79 -10.37
CA THR A 152 -5.60 -16.07 -9.18
C THR A 152 -5.49 -14.60 -9.60
N ARG A 153 -4.81 -14.36 -10.70
CA ARG A 153 -4.76 -13.04 -11.24
C ARG A 153 -6.11 -12.36 -11.09
N PHE A 154 -7.17 -13.00 -11.60
CA PHE A 154 -8.47 -12.39 -11.73
C PHE A 154 -9.11 -12.32 -10.35
N SER A 155 -9.11 -13.35 -9.53
CA SER A 155 -9.67 -13.15 -8.16
C SER A 155 -9.03 -12.01 -7.38
N VAL A 156 -7.69 -12.02 -7.25
CA VAL A 156 -6.94 -10.93 -6.59
C VAL A 156 -7.25 -9.54 -7.18
N ASP A 157 -7.28 -9.45 -8.49
CA ASP A 157 -7.63 -8.21 -9.14
C ASP A 157 -9.07 -7.75 -8.78
N ALA A 158 -9.98 -8.69 -8.55
CA ALA A 158 -11.35 -8.32 -8.22
C ALA A 158 -11.40 -7.64 -6.88
N TYR A 159 -10.53 -8.10 -5.98
CA TYR A 159 -10.42 -7.52 -4.65
C TYR A 159 -9.87 -6.15 -4.73
N VAL A 160 -8.94 -5.92 -5.64
CA VAL A 160 -8.43 -4.57 -5.82
C VAL A 160 -9.52 -3.61 -6.28
N HIS A 161 -10.36 -4.06 -7.20
CA HIS A 161 -11.37 -3.18 -7.75
C HIS A 161 -12.44 -2.98 -6.72
N PHE A 162 -12.87 -4.04 -6.05
CA PHE A 162 -13.98 -3.99 -5.03
C PHE A 162 -13.76 -2.86 -4.11
N VAL A 163 -12.53 -2.71 -3.68
CA VAL A 163 -12.15 -1.66 -2.74
C VAL A 163 -12.11 -0.25 -3.37
N SER A 164 -11.76 -0.17 -4.64
CA SER A 164 -11.87 1.07 -5.38
C SER A 164 -13.30 1.46 -5.68
N GLU A 165 -14.27 0.52 -5.70
CA GLU A 165 -15.64 0.70 -6.33
C GLU A 165 -16.83 0.71 -5.35
N ARG A 166 -16.70 -0.05 -4.26
CA ARG A 166 -17.77 -0.20 -3.30
C ARG A 166 -17.61 0.87 -2.27
N SER A 167 -18.55 0.97 -1.38
CA SER A 167 -18.49 1.94 -0.33
C SER A 167 -17.36 1.62 0.64
N LEU A 168 -16.80 2.68 1.18
CA LEU A 168 -15.86 2.65 2.27
C LEU A 168 -16.21 1.56 3.31
N LEU A 169 -17.47 1.47 3.72
CA LEU A 169 -17.89 0.43 4.70
C LEU A 169 -17.62 -1.00 4.26
N GLU A 170 -17.81 -1.25 2.95
CA GLU A 170 -17.54 -2.59 2.37
C GLU A 170 -16.08 -2.84 2.23
N ALA A 171 -15.35 -1.86 1.69
CA ALA A 171 -13.88 -2.00 1.54
C ALA A 171 -13.27 -2.40 2.84
N ILE A 172 -13.71 -1.72 3.93
CA ILE A 172 -13.19 -1.98 5.26
C ILE A 172 -13.68 -3.34 5.71
N ALA A 173 -14.96 -3.58 5.55
CA ALA A 173 -15.48 -4.84 6.03
C ALA A 173 -14.67 -5.96 5.40
N SER A 174 -14.22 -5.82 4.14
CA SER A 174 -13.55 -6.94 3.42
C SER A 174 -12.19 -7.34 3.98
N SER A 175 -11.64 -6.50 4.86
CA SER A 175 -10.45 -6.83 5.65
C SER A 175 -10.69 -7.93 6.61
N LEU A 176 -11.92 -8.05 7.10
CA LEU A 176 -12.20 -8.86 8.31
C LEU A 176 -11.91 -10.41 8.34
N THR A 177 -11.35 -11.02 7.27
CA THR A 177 -10.75 -12.37 7.42
C THR A 177 -9.59 -12.37 8.39
N GLU A 178 -9.06 -11.19 8.65
CA GLU A 178 -8.04 -11.00 9.66
C GLU A 178 -8.40 -11.47 11.11
N MET A 179 -9.71 -11.52 11.40
CA MET A 179 -10.22 -12.05 12.66
C MET A 179 -9.97 -13.54 12.80
N PHE A 180 -9.63 -14.21 11.69
CA PHE A 180 -9.22 -15.63 11.64
C PHE A 180 -7.66 -15.92 11.47
N SER A 181 -6.79 -14.93 11.18
CA SER A 181 -5.33 -15.13 11.10
C SER A 181 -4.64 -15.60 12.41
N MET A 192 3.63 -24.33 12.03
CA MET A 192 2.65 -24.87 11.11
C MET A 192 3.12 -26.17 10.40
N LEU A 193 3.84 -26.01 9.28
CA LEU A 193 4.09 -27.09 8.32
C LEU A 193 5.24 -27.96 8.84
N LYS A 194 4.88 -28.88 9.76
CA LYS A 194 5.81 -29.90 10.34
C LYS A 194 5.54 -31.32 9.73
N ASN A 195 5.07 -31.34 8.48
CA ASN A 195 5.08 -32.54 7.63
C ASN A 195 5.91 -32.37 6.34
N TYR A 196 6.35 -31.15 6.06
CA TYR A 196 7.13 -30.86 4.88
C TYR A 196 8.58 -30.51 5.21
N ASP A 197 9.43 -31.52 5.18
CA ASP A 197 10.88 -31.31 5.31
C ASP A 197 11.45 -30.71 4.00
N PHE A 198 11.26 -29.39 3.82
CA PHE A 198 11.88 -28.59 2.75
C PHE A 198 11.57 -27.09 2.88
N LYS A 201 15.73 -24.16 8.45
CA LYS A 201 15.56 -23.10 9.46
C LYS A 201 15.42 -21.73 8.84
N ASP A 202 16.41 -21.25 8.07
CA ASP A 202 16.46 -19.83 7.61
C ASP A 202 15.42 -19.46 6.52
N THR A 203 14.41 -20.32 6.32
CA THR A 203 13.06 -19.98 5.73
C THR A 203 11.90 -20.02 6.76
N LEU A 204 12.12 -20.80 7.82
CA LEU A 204 11.20 -20.96 8.92
C LEU A 204 11.59 -19.98 10.00
N ALA A 218 -7.71 -4.55 11.86
CA ALA A 218 -8.05 -5.88 12.40
C ALA A 218 -9.15 -5.79 13.49
N ASP A 219 -8.84 -5.06 14.57
CA ASP A 219 -9.80 -4.65 15.61
C ASP A 219 -10.35 -3.26 15.32
N PHE A 220 -9.56 -2.42 14.65
CA PHE A 220 -10.06 -1.17 14.06
C PHE A 220 -11.23 -1.35 13.08
N ALA A 221 -11.07 -2.28 12.14
CA ALA A 221 -12.11 -2.67 11.15
C ALA A 221 -13.38 -3.14 11.83
N LEU A 222 -13.27 -4.13 12.72
CA LEU A 222 -14.45 -4.62 13.44
C LEU A 222 -15.10 -3.47 14.21
N ASP A 223 -14.28 -2.53 14.69
CA ASP A 223 -14.85 -1.34 15.32
C ASP A 223 -15.55 -0.37 14.36
N TYR A 224 -14.92 -0.09 13.23
CA TYR A 224 -15.49 0.73 12.20
C TYR A 224 -16.87 0.23 11.76
N VAL A 225 -16.98 -1.08 11.56
CA VAL A 225 -18.16 -1.66 10.94
C VAL A 225 -19.33 -1.54 11.91
N LYS A 226 -19.13 -1.85 13.19
CA LYS A 226 -20.22 -1.78 14.19
C LYS A 226 -20.75 -0.38 14.36
N ARG A 227 -19.86 0.58 14.45
CA ARG A 227 -20.32 1.94 14.67
C ARG A 227 -20.94 2.58 13.37
N HIS A 228 -20.60 2.07 12.18
CA HIS A 228 -21.14 2.60 10.89
C HIS A 228 -22.25 1.74 10.19
N ALA A 229 -22.35 0.43 10.52
CA ALA A 229 -23.45 -0.43 10.08
C ALA A 229 -24.77 -0.17 10.87
N THR A 230 -25.39 1.00 10.66
CA THR A 230 -26.55 1.39 11.42
C THR A 230 -27.90 1.10 10.73
N THR A 231 -27.90 0.89 9.42
CA THR A 231 -29.12 0.39 8.74
C THR A 231 -28.96 -1.13 8.48
N PRO A 232 -30.07 -1.91 8.49
CA PRO A 232 -29.95 -3.30 8.04
C PRO A 232 -29.33 -3.47 6.63
N GLU A 233 -29.48 -2.49 5.75
CA GLU A 233 -28.95 -2.59 4.38
C GLU A 233 -27.40 -2.58 4.42
N MET A 234 -26.87 -1.71 5.27
CA MET A 234 -25.47 -1.64 5.53
C MET A 234 -24.86 -2.88 6.24
N GLN A 235 -25.61 -3.51 7.14
CA GLN A 235 -25.11 -4.74 7.79
C GLN A 235 -24.92 -5.85 6.79
N ARG A 236 -25.82 -5.98 5.80
CA ARG A 236 -25.72 -7.08 4.79
C ARG A 236 -24.57 -6.81 3.83
N ALA A 237 -24.38 -5.52 3.53
CA ALA A 237 -23.41 -5.10 2.59
C ALA A 237 -22.03 -5.51 3.08
N ALA A 238 -21.83 -5.36 4.39
CA ALA A 238 -20.57 -5.70 5.12
C ALA A 238 -20.42 -7.20 5.31
N ILE A 239 -21.52 -7.89 5.55
CA ILE A 239 -21.52 -9.34 5.63
C ILE A 239 -21.23 -9.95 4.22
N ASP A 240 -21.71 -9.29 3.17
CA ASP A 240 -21.36 -9.61 1.79
C ASP A 240 -19.90 -9.24 1.50
N ALA A 241 -19.46 -8.08 1.97
CA ALA A 241 -18.11 -7.67 1.72
C ALA A 241 -17.18 -8.74 2.22
N LEU A 242 -17.39 -9.23 3.44
CA LEU A 242 -16.58 -10.36 3.98
C LEU A 242 -16.77 -11.70 3.26
N THR A 243 -17.99 -11.97 2.79
CA THR A 243 -18.26 -13.13 1.95
C THR A 243 -17.43 -13.02 0.68
N PHE A 244 -17.44 -11.82 0.12
CA PHE A 244 -16.88 -11.56 -1.20
C PHE A 244 -15.42 -11.95 -1.24
N LYS A 245 -14.78 -11.57 -0.16
CA LYS A 245 -13.39 -11.78 0.08
C LYS A 245 -13.11 -13.23 0.42
N CYS A 246 -13.98 -13.85 1.19
CA CYS A 246 -13.91 -15.28 1.33
C CYS A 246 -13.93 -16.01 -0.02
N ASN A 247 -14.73 -15.54 -0.97
CA ASN A 247 -14.76 -16.06 -2.32
C ASN A 247 -13.39 -15.87 -3.02
N VAL A 248 -12.73 -14.71 -2.78
CA VAL A 248 -11.50 -14.36 -3.47
C VAL A 248 -10.50 -15.40 -3.08
N LEU A 249 -10.32 -15.67 -1.81
CA LEU A 249 -9.38 -16.72 -1.41
C LEU A 249 -9.83 -18.11 -1.85
N TRP A 250 -11.13 -18.34 -1.85
CA TRP A 250 -11.67 -19.63 -2.14
C TRP A 250 -11.43 -20.09 -3.61
N THR A 251 -11.45 -19.15 -4.56
CA THR A 251 -11.32 -19.43 -6.00
C THR A 251 -9.87 -19.60 -6.30
N GLN A 252 -9.03 -18.81 -5.64
CA GLN A 252 -7.55 -19.03 -5.67
C GLN A 252 -7.25 -20.46 -5.41
N LEU A 253 -7.76 -20.97 -4.30
CA LEU A 253 -7.61 -22.36 -3.95
C LEU A 253 -8.36 -23.30 -4.92
N ASP A 254 -9.54 -22.94 -5.41
CA ASP A 254 -10.22 -23.84 -6.38
C ASP A 254 -9.35 -23.97 -7.61
N ALA A 255 -8.64 -22.92 -7.99
CA ALA A 255 -7.87 -22.98 -9.21
C ALA A 255 -6.69 -23.94 -9.01
N LEU A 256 -6.08 -23.81 -7.83
CA LEU A 256 -4.91 -24.57 -7.39
C LEU A 256 -5.21 -26.05 -7.34
N TYR A 257 -6.41 -26.36 -6.81
CA TYR A 257 -6.84 -27.76 -6.67
C TYR A 257 -7.03 -28.39 -8.03
N PHE A 258 -7.80 -27.69 -8.86
CA PHE A 258 -8.13 -28.08 -10.23
C PHE A 258 -6.89 -28.34 -11.10
N ALA A 259 -5.91 -27.43 -11.01
CA ALA A 259 -4.71 -27.49 -11.85
C ALA A 259 -3.63 -28.49 -11.35
N TYR A 260 -3.45 -28.60 -10.03
CA TYR A 260 -2.32 -29.34 -9.48
C TYR A 260 -2.59 -30.61 -8.71
N VAL A 261 -3.86 -30.86 -8.32
CA VAL A 261 -4.23 -32.11 -7.60
C VAL A 261 -5.27 -32.98 -8.28
N ALA A 262 -6.38 -32.41 -8.71
CA ALA A 262 -7.36 -33.19 -9.43
C ALA A 262 -8.10 -32.26 -10.34
N PRO A 263 -7.87 -32.38 -11.65
CA PRO A 263 -6.63 -32.95 -12.27
C PRO A 263 -5.89 -31.86 -13.10
N GLY A 264 -6.51 -31.38 -14.22
CA GLY A 264 -6.22 -30.10 -15.00
C GLY A 264 -4.77 -29.82 -15.39
N MET A 265 -4.47 -28.62 -15.90
CA MET A 265 -3.03 -28.30 -16.28
C MET A 265 -2.71 -26.86 -16.53
N VAL A 266 -3.34 -26.29 -17.57
CA VAL A 266 -3.62 -24.83 -17.75
C VAL A 266 -2.61 -23.92 -18.53
N PRO A 267 -2.75 -23.83 -19.88
CA PRO A 267 -1.78 -23.31 -20.89
C PRO A 267 -0.29 -22.94 -20.46
N PRO A 268 0.12 -21.65 -20.39
CA PRO A 268 1.44 -21.54 -19.73
C PRO A 268 1.30 -20.90 -18.35
N ASP A 269 1.89 -21.53 -17.33
CA ASP A 269 1.53 -21.32 -15.93
C ASP A 269 2.49 -22.02 -14.95
N ALA A 270 2.45 -23.33 -14.97
CA ALA A 270 2.73 -24.11 -13.79
C ALA A 270 4.20 -24.41 -13.58
N TRP A 271 4.87 -23.71 -12.63
CA TRP A 271 6.18 -24.24 -12.25
C TRP A 271 6.54 -24.49 -10.81
N LEU B 36 23.23 -24.94 20.19
CA LEU B 36 22.19 -24.67 21.21
C LEU B 36 21.27 -23.51 20.73
N LEU B 37 20.21 -23.23 21.50
CA LEU B 37 19.10 -22.24 21.33
C LEU B 37 18.59 -21.80 19.94
N SER B 38 17.27 -21.85 19.79
CA SER B 38 16.54 -21.39 18.60
C SER B 38 16.21 -19.88 18.62
N HIS B 39 15.50 -19.36 17.61
CA HIS B 39 15.00 -17.95 17.57
C HIS B 39 13.99 -17.59 18.68
N GLU B 40 12.99 -18.44 18.88
CA GLU B 40 12.03 -18.23 19.95
C GLU B 40 12.70 -18.36 21.37
N GLU B 41 13.67 -19.27 21.45
CA GLU B 41 14.46 -19.52 22.69
C GLU B 41 15.52 -18.45 22.99
N LEU B 42 16.13 -17.86 21.97
CA LEU B 42 17.02 -16.70 22.13
C LEU B 42 16.23 -15.46 22.57
N GLU B 43 15.09 -15.21 21.92
CA GLU B 43 14.19 -14.07 22.23
C GLU B 43 13.68 -14.18 23.65
N ALA B 44 13.39 -15.43 24.10
CA ALA B 44 13.04 -15.77 25.49
C ALA B 44 14.15 -15.38 26.46
N ALA B 45 15.37 -15.82 26.16
CA ALA B 45 16.56 -15.57 27.00
C ALA B 45 16.93 -14.08 27.11
N LEU B 46 16.67 -13.35 26.02
CA LEU B 46 16.81 -11.88 25.96
C LEU B 46 15.77 -11.12 26.82
N ARG B 47 14.50 -11.48 26.70
CA ARG B 47 13.46 -10.88 27.53
C ARG B 47 13.70 -11.20 28.98
N ASP B 48 14.32 -12.32 29.29
CA ASP B 48 14.53 -12.64 30.69
C ASP B 48 15.56 -11.72 31.34
N ILE B 49 16.58 -11.33 30.58
CA ILE B 49 17.54 -10.38 31.09
C ILE B 49 16.83 -9.14 31.50
N GLY B 50 16.04 -8.60 30.59
CA GLY B 50 15.15 -7.49 30.89
C GLY B 50 14.27 -7.70 32.09
N ALA B 51 13.66 -8.88 32.15
CA ALA B 51 12.79 -9.25 33.26
C ALA B 51 13.46 -9.06 34.63
N ARG B 52 14.76 -9.29 34.71
CA ARG B 52 15.51 -9.17 35.96
C ARG B 52 16.35 -7.90 36.01
N ARG B 53 17.25 -7.72 35.05
CA ARG B 53 18.33 -6.69 35.14
C ARG B 53 17.99 -5.27 34.59
N TYR B 54 16.83 -5.06 33.96
CA TYR B 54 16.53 -3.80 33.30
C TYR B 54 16.12 -2.69 34.36
N HIS B 55 16.45 -1.42 34.08
CA HIS B 55 16.45 -0.34 35.09
C HIS B 55 15.10 0.15 35.70
N ASN B 56 13.97 -0.40 35.24
CA ASN B 56 12.68 -0.29 35.97
C ASN B 56 12.78 -0.83 37.43
N LEU B 57 13.60 -1.86 37.64
CA LEU B 57 13.72 -2.48 38.96
C LEU B 57 14.67 -1.76 39.94
N HIS B 58 15.30 -0.66 39.52
CA HIS B 58 16.32 0.00 40.33
C HIS B 58 15.65 0.83 41.39
N PRO B 59 16.18 0.82 42.61
CA PRO B 59 15.59 1.66 43.62
C PRO B 59 15.34 3.09 43.17
N PHE B 60 16.27 3.68 42.44
CA PHE B 60 16.12 5.07 42.03
C PHE B 60 14.89 5.28 41.15
N HIS B 61 14.64 4.35 40.23
CA HIS B 61 13.39 4.39 39.38
C HIS B 61 12.09 4.11 40.16
N ARG B 62 12.08 3.16 41.09
CA ARG B 62 10.94 2.94 41.97
C ARG B 62 10.53 4.19 42.73
N LEU B 63 11.49 4.99 43.15
CA LEU B 63 11.21 6.30 43.73
C LEU B 63 10.86 7.38 42.71
N LEU B 64 11.53 7.39 41.58
CA LEU B 64 11.23 8.38 40.55
C LEU B 64 9.82 8.28 40.08
N HIS B 65 9.34 7.05 39.89
CA HIS B 65 7.97 6.82 39.44
C HIS B 65 6.95 7.17 40.48
N ASP B 66 7.02 6.60 41.67
CA ASP B 66 5.93 6.73 42.64
C ASP B 66 5.94 8.05 43.41
N GLY B 67 6.50 9.11 42.81
CA GLY B 67 6.39 10.47 43.34
C GLY B 67 7.49 10.93 44.27
N LYS B 68 8.24 9.99 44.85
CA LYS B 68 9.01 10.22 46.09
C LYS B 68 10.33 11.04 46.05
N LEU B 69 10.71 11.65 44.93
CA LEU B 69 11.92 12.46 44.96
C LEU B 69 11.56 13.92 45.09
N SER B 70 12.54 14.70 45.56
CA SER B 70 12.49 16.18 45.57
C SER B 70 12.77 16.71 44.16
N LYS B 71 12.57 18.02 43.93
CA LYS B 71 12.88 18.60 42.61
C LYS B 71 14.34 18.31 42.26
N ASP B 72 15.23 18.66 43.21
CA ASP B 72 16.71 18.39 43.19
C ASP B 72 17.18 17.00 42.82
N GLN B 73 16.51 16.00 43.34
CA GLN B 73 16.80 14.62 42.98
C GLN B 73 16.29 14.27 41.58
N VAL B 74 15.18 14.86 41.13
CA VAL B 74 14.76 14.74 39.73
C VAL B 74 15.76 15.52 38.86
N ARG B 75 16.07 16.74 39.25
CA ARG B 75 17.07 17.58 38.53
C ARG B 75 18.40 16.87 38.20
N ALA B 76 19.02 16.23 39.19
CA ALA B 76 20.23 15.43 39.02
C ALA B 76 20.09 14.27 38.00
N TRP B 77 18.97 13.58 38.07
CA TRP B 77 18.69 12.57 37.06
C TRP B 77 18.53 13.24 35.72
N ALA B 78 17.89 14.39 35.68
CA ALA B 78 17.74 15.02 34.38
C ALA B 78 19.11 15.51 33.87
N LEU B 79 19.94 16.04 34.79
CA LEU B 79 21.30 16.58 34.43
C LEU B 79 22.20 15.49 33.94
N ASN B 80 22.29 14.42 34.72
CA ASN B 80 23.14 13.29 34.39
C ASN B 80 22.68 12.53 33.18
N ARG B 81 21.39 12.24 33.04
CA ARG B 81 20.98 11.51 31.89
C ARG B 81 21.25 12.26 30.61
N TYR B 82 21.18 13.60 30.65
CA TYR B 82 21.56 14.38 29.49
C TYR B 82 22.82 13.83 28.82
N TYR B 83 23.80 13.50 29.68
CA TYR B 83 25.02 12.94 29.17
C TYR B 83 24.77 11.65 28.40
N TYR B 84 23.85 10.81 28.84
CA TYR B 84 23.61 9.51 28.15
C TYR B 84 22.92 9.67 26.77
N GLN B 85 21.91 10.54 26.77
CA GLN B 85 21.19 10.92 25.58
C GLN B 85 22.06 11.66 24.53
N ALA B 86 22.90 12.57 24.98
CA ALA B 86 23.90 13.22 24.12
C ALA B 86 24.91 12.27 23.36
N MET B 87 25.13 11.07 23.92
CA MET B 87 26.03 10.06 23.35
C MET B 87 25.37 8.88 22.60
N ILE B 88 24.06 8.65 22.73
CA ILE B 88 23.48 7.61 21.88
C ILE B 88 23.91 7.82 20.41
N PRO B 89 23.79 9.06 19.91
CA PRO B 89 24.16 9.21 18.50
C PRO B 89 25.69 9.09 18.22
N VAL B 90 26.51 9.45 19.19
CA VAL B 90 27.95 9.19 19.08
C VAL B 90 28.14 7.69 19.09
N LYS B 91 27.49 7.03 20.03
CA LYS B 91 27.52 5.60 20.03
C LYS B 91 27.09 5.03 18.67
N ASP B 92 25.95 5.48 18.14
CA ASP B 92 25.36 4.96 16.87
C ASP B 92 26.22 5.36 15.69
N ALA B 93 26.84 6.57 15.74
CA ALA B 93 27.92 6.94 14.78
C ALA B 93 29.11 5.98 14.80
N ALA B 94 29.46 5.46 15.98
CA ALA B 94 30.54 4.49 16.09
C ALA B 94 30.17 3.13 15.41
N LEU B 95 28.95 2.66 15.62
CA LEU B 95 28.55 1.40 14.99
C LEU B 95 28.48 1.48 13.44
N LEU B 96 27.82 2.52 12.92
CA LEU B 96 27.75 2.86 11.48
C LEU B 96 29.09 2.76 10.76
N ALA B 97 30.09 3.40 11.40
CA ALA B 97 31.52 3.42 11.01
C ALA B 97 32.13 2.04 10.90
N ARG B 98 31.61 1.05 11.66
CA ARG B 98 31.99 -0.41 11.51
C ARG B 98 31.06 -1.35 10.72
N LEU B 99 29.93 -0.90 10.16
CA LEU B 99 29.11 -1.84 9.35
C LEU B 99 29.71 -2.12 7.98
N PRO B 100 29.59 -3.39 7.51
CA PRO B 100 30.19 -3.76 6.24
C PRO B 100 29.59 -3.12 5.05
N ASP B 101 28.27 -2.91 5.00
CA ASP B 101 27.66 -2.42 3.70
C ASP B 101 26.68 -1.26 3.78
N ALA B 102 26.46 -0.64 2.65
CA ALA B 102 25.69 0.58 2.59
C ALA B 102 24.18 0.39 2.94
N GLN B 103 23.69 -0.86 2.85
CA GLN B 103 22.31 -1.25 3.20
C GLN B 103 22.08 -1.13 4.68
N LEU B 104 22.89 -1.85 5.44
CA LEU B 104 22.87 -1.84 6.90
C LEU B 104 23.07 -0.48 7.51
N ARG B 105 24.04 0.22 6.99
CA ARG B 105 24.30 1.62 7.35
C ARG B 105 23.06 2.44 7.15
N ARG B 106 22.47 2.35 5.94
CA ARG B 106 21.23 3.09 5.59
C ARG B 106 20.14 2.88 6.64
N ILE B 107 19.97 1.64 7.07
CA ILE B 107 18.95 1.35 8.04
C ILE B 107 19.46 1.90 9.37
N TRP B 108 20.70 1.57 9.75
CA TRP B 108 21.14 1.97 11.09
C TRP B 108 21.15 3.48 11.26
N ARG B 109 21.53 4.25 10.25
CA ARG B 109 21.63 5.70 10.49
C ARG B 109 20.35 6.42 10.96
N GLN B 110 19.14 5.90 10.71
CA GLN B 110 17.92 6.52 11.24
C GLN B 110 18.03 6.83 12.73
N ARG B 111 18.73 5.96 13.46
CA ARG B 111 18.89 6.10 14.89
C ARG B 111 19.62 7.43 15.27
N ILE B 112 20.64 7.78 14.48
CA ILE B 112 21.35 9.04 14.68
C ILE B 112 20.37 10.18 14.48
N VAL B 113 19.63 10.10 13.38
CA VAL B 113 18.59 11.06 13.04
C VAL B 113 17.59 11.26 14.17
N ASP B 114 17.13 10.13 14.75
CA ASP B 114 16.08 10.14 15.83
C ASP B 114 16.54 11.06 16.95
N HIS B 115 17.87 11.08 17.25
CA HIS B 115 18.46 11.78 18.42
C HIS B 115 19.09 13.13 18.12
N ASP B 116 19.57 13.30 16.89
CA ASP B 116 20.24 14.49 16.47
C ASP B 116 19.32 15.43 15.69
N GLY B 117 18.59 14.92 14.69
CA GLY B 117 17.40 15.58 14.11
C GLY B 117 17.38 15.76 12.60
N ASP B 118 16.32 16.43 12.10
CA ASP B 118 16.07 16.73 10.67
C ASP B 118 15.94 15.46 9.81
N GLY B 121 17.24 20.27 11.64
CA GLY B 121 17.00 21.49 12.42
C GLY B 121 16.72 21.26 13.91
N ASP B 122 16.12 20.09 14.25
CA ASP B 122 15.90 19.53 15.67
C ASP B 122 15.25 18.06 15.87
N GLY B 123 15.52 17.42 17.06
CA GLY B 123 15.18 15.96 17.36
C GLY B 123 15.17 15.39 18.83
N GLY B 124 15.64 14.15 19.05
CA GLY B 124 15.69 13.53 20.41
C GLY B 124 16.46 14.15 21.62
N ILE B 125 17.72 14.59 21.43
CA ILE B 125 18.55 15.20 22.50
C ILE B 125 17.95 16.52 22.90
N GLU B 126 17.52 17.25 21.86
CA GLU B 126 16.79 18.53 21.99
C GLU B 126 15.56 18.45 22.89
N ARG B 127 14.85 17.35 22.78
CA ARG B 127 13.75 17.18 23.66
C ARG B 127 14.29 16.72 24.99
N TRP B 128 15.34 15.92 25.07
CA TRP B 128 15.94 15.81 26.42
C TRP B 128 16.30 17.19 26.98
N LEU B 129 16.85 18.11 26.17
CA LEU B 129 17.13 19.46 26.66
C LEU B 129 15.94 20.18 27.29
N LYS B 130 14.80 20.28 26.58
CA LYS B 130 13.54 20.63 27.22
C LYS B 130 13.29 19.92 28.62
N LEU B 131 13.43 18.61 28.73
CA LEU B 131 13.18 17.92 30.01
C LEU B 131 13.90 18.65 31.11
N ALA B 132 15.19 18.91 30.92
CA ALA B 132 16.03 19.54 31.94
C ALA B 132 15.73 21.04 32.04
N GLU B 133 15.49 21.70 30.90
CA GLU B 133 15.16 23.13 30.94
C GLU B 133 13.93 23.37 31.84
N GLY B 134 12.95 22.46 31.74
CA GLY B 134 11.76 22.45 32.54
C GLY B 134 11.92 21.59 33.77
N VAL B 135 13.06 21.66 34.43
CA VAL B 135 13.11 21.56 35.88
C VAL B 135 14.06 22.62 36.46
N GLY B 136 14.39 23.65 35.67
CA GLY B 136 15.01 24.88 36.17
C GLY B 136 16.38 25.16 35.64
N PHE B 137 16.95 24.17 34.97
CA PHE B 137 18.33 24.28 34.43
C PHE B 137 18.40 25.25 33.28
N THR B 138 19.51 25.98 33.23
CA THR B 138 19.87 26.74 32.01
C THR B 138 20.46 25.80 31.03
N ARG B 139 20.39 26.19 29.80
CA ARG B 139 20.70 25.30 28.73
C ARG B 139 22.19 25.02 28.65
N ASP B 140 23.00 26.06 28.65
CA ASP B 140 24.48 25.84 28.49
C ASP B 140 25.20 25.25 29.74
N TYR B 141 24.55 25.18 30.89
CA TYR B 141 25.06 24.42 32.05
C TYR B 141 24.95 22.88 31.85
N VAL B 142 23.81 22.46 31.29
CA VAL B 142 23.61 21.08 30.88
C VAL B 142 24.52 20.76 29.70
N LEU B 143 24.63 21.72 28.79
CA LEU B 143 25.30 21.45 27.53
C LEU B 143 26.78 21.24 27.77
N SER B 144 27.36 21.96 28.74
CA SER B 144 28.77 21.73 29.14
C SER B 144 29.04 20.33 29.75
N THR B 145 28.10 19.85 30.56
CA THR B 145 28.21 18.60 31.31
C THR B 145 29.12 18.72 32.50
N LYS B 146 29.45 19.95 32.89
CA LYS B 146 30.38 20.23 33.98
C LYS B 146 29.95 19.70 35.33
N GLY B 147 28.65 19.54 35.53
CA GLY B 147 28.10 19.06 36.79
C GLY B 147 27.70 17.60 36.87
N ILE B 148 28.05 16.79 35.89
CA ILE B 148 27.65 15.38 35.95
C ILE B 148 28.62 14.61 36.83
N LEU B 149 28.20 13.41 37.23
CA LEU B 149 29.01 12.56 38.08
C LEU B 149 29.92 11.78 37.13
N SER B 150 31.07 11.39 37.64
CA SER B 150 32.07 10.70 36.85
C SER B 150 31.57 9.30 36.61
N ALA B 151 30.76 8.77 37.53
CA ALA B 151 30.18 7.45 37.33
C ALA B 151 29.32 7.44 36.05
N THR B 152 28.61 8.54 35.77
CA THR B 152 27.79 8.52 34.57
C THR B 152 28.69 8.70 33.32
N ARG B 153 29.62 9.65 33.37
CA ARG B 153 30.66 9.79 32.34
C ARG B 153 31.35 8.47 31.94
N PHE B 154 31.81 7.71 32.91
CA PHE B 154 32.50 6.49 32.57
C PHE B 154 31.49 5.41 32.24
N SER B 155 30.31 5.39 32.82
CA SER B 155 29.33 4.35 32.45
C SER B 155 28.98 4.46 30.98
N VAL B 156 28.69 5.69 30.55
CA VAL B 156 28.22 6.00 29.18
C VAL B 156 29.30 5.76 28.07
N ASP B 157 30.48 6.28 28.37
CA ASP B 157 31.68 6.06 27.57
C ASP B 157 32.05 4.61 27.49
N ALA B 158 31.85 3.84 28.55
CA ALA B 158 31.89 2.34 28.44
C ALA B 158 31.11 1.78 27.26
N TYR B 159 29.83 2.20 27.19
CA TYR B 159 28.90 1.76 26.16
C TYR B 159 29.49 2.21 24.86
N VAL B 160 29.93 3.45 24.74
CA VAL B 160 30.50 3.90 23.46
C VAL B 160 31.78 3.11 23.03
N HIS B 161 32.68 2.85 23.96
CA HIS B 161 33.82 2.02 23.66
C HIS B 161 33.36 0.57 23.29
N PHE B 162 32.46 -0.04 24.07
CA PHE B 162 31.87 -1.36 23.70
C PHE B 162 31.53 -1.52 22.21
N VAL B 163 30.80 -0.54 21.71
CA VAL B 163 30.23 -0.57 20.37
C VAL B 163 31.32 -0.51 19.31
N SER B 164 32.31 0.36 19.54
CA SER B 164 33.55 0.42 18.69
C SER B 164 34.52 -0.73 18.81
N GLU B 165 34.63 -1.37 20.00
CA GLU B 165 35.64 -2.43 20.32
C GLU B 165 35.13 -3.87 20.12
N ARG B 166 34.09 -4.32 20.80
CA ARG B 166 33.56 -5.72 20.64
C ARG B 166 33.07 -6.06 19.21
N SER B 167 32.45 -7.21 19.02
CA SER B 167 31.90 -7.62 17.70
C SER B 167 30.46 -7.05 17.27
N LEU B 168 30.24 -6.84 15.97
CA LEU B 168 29.00 -6.24 15.50
C LEU B 168 27.75 -6.89 16.09
N LEU B 169 27.80 -8.21 16.28
CA LEU B 169 26.65 -8.91 16.83
C LEU B 169 26.41 -8.36 18.23
N GLU B 170 27.52 -8.13 18.93
CA GLU B 170 27.48 -7.63 20.29
C GLU B 170 27.08 -6.19 20.39
N ALA B 171 27.63 -5.33 19.55
CA ALA B 171 27.21 -3.92 19.59
C ALA B 171 25.73 -3.80 19.30
N ILE B 172 25.32 -4.48 18.24
CA ILE B 172 23.94 -4.39 17.79
C ILE B 172 23.04 -4.86 18.90
N ALA B 173 23.38 -6.03 19.48
CA ALA B 173 22.56 -6.67 20.52
C ALA B 173 22.49 -5.87 21.80
N SER B 174 23.49 -5.01 22.06
CA SER B 174 23.45 -4.04 23.17
C SER B 174 22.32 -3.06 23.06
N SER B 175 21.91 -2.75 21.83
CA SER B 175 20.71 -1.94 21.58
C SER B 175 19.46 -2.54 22.22
N LEU B 176 19.41 -3.86 22.39
CA LEU B 176 18.20 -4.58 22.77
C LEU B 176 17.46 -4.18 24.05
N THR B 177 18.00 -3.31 24.94
CA THR B 177 17.09 -2.65 25.93
C THR B 177 15.83 -2.07 25.23
N GLU B 178 15.93 -1.68 23.97
CA GLU B 178 14.79 -1.25 23.15
C GLU B 178 13.63 -2.24 23.10
N MET B 179 13.81 -3.52 23.45
CA MET B 179 12.62 -4.38 23.74
C MET B 179 11.80 -3.96 24.98
N PHE B 180 12.20 -2.93 25.72
CA PHE B 180 11.59 -2.65 27.05
C PHE B 180 10.99 -1.23 27.33
N SER B 181 10.83 -0.33 26.36
CA SER B 181 10.01 0.88 26.59
C SER B 181 8.55 0.58 26.15
N MET B 192 4.47 8.94 32.40
CA MET B 192 4.45 8.24 33.69
C MET B 192 4.18 9.20 34.86
N LEU B 193 5.18 10.11 35.00
CA LEU B 193 5.59 10.94 36.20
C LEU B 193 4.68 12.20 36.47
N LYS B 194 3.36 12.11 36.31
CA LYS B 194 2.53 13.28 36.65
C LYS B 194 2.08 13.19 38.14
N ASN B 195 3.11 13.14 39.01
CA ASN B 195 3.05 13.12 40.50
C ASN B 195 3.95 14.20 41.07
N TYR B 196 4.22 15.21 40.23
CA TYR B 196 5.21 16.23 40.47
C TYR B 196 4.55 17.55 40.01
N ASP B 197 4.41 18.55 40.88
CA ASP B 197 3.82 19.85 40.49
C ASP B 197 4.69 20.67 39.47
N PHE B 198 5.32 19.99 38.50
CA PHE B 198 6.18 20.66 37.48
C PHE B 198 6.49 19.80 36.20
N ILE B 199 5.62 18.85 35.86
CA ILE B 199 5.80 17.93 34.74
C ILE B 199 4.49 17.75 33.94
N ARG B 216 10.04 -1.55 17.60
CA ARG B 216 10.60 -0.24 17.67
C ARG B 216 11.69 -0.34 16.54
N ASP B 217 12.95 -0.06 16.93
CA ASP B 217 14.20 -0.46 16.26
C ASP B 217 14.61 -1.85 16.71
N ALA B 218 14.04 -2.31 17.83
CA ALA B 218 14.31 -3.65 18.36
C ALA B 218 13.95 -4.80 17.45
N ASP B 219 13.04 -4.59 16.48
CA ASP B 219 12.60 -5.65 15.57
C ASP B 219 13.76 -6.02 14.69
N PHE B 220 14.33 -4.99 14.09
CA PHE B 220 15.57 -5.07 13.33
C PHE B 220 16.75 -5.63 14.14
N ALA B 221 16.93 -5.09 15.34
CA ALA B 221 18.04 -5.52 16.14
C ALA B 221 17.85 -7.00 16.42
N LEU B 222 16.70 -7.37 16.98
CA LEU B 222 16.38 -8.77 17.30
C LEU B 222 16.55 -9.67 16.07
N ASP B 223 15.90 -9.31 14.94
CA ASP B 223 16.00 -10.17 13.77
C ASP B 223 17.41 -10.30 13.30
N TYR B 224 18.17 -9.23 13.42
CA TYR B 224 19.61 -9.29 13.13
C TYR B 224 20.26 -10.30 14.04
N VAL B 225 20.08 -10.14 15.34
CA VAL B 225 20.76 -10.99 16.33
C VAL B 225 20.46 -12.52 16.12
N LYS B 226 19.23 -12.87 15.75
CA LYS B 226 18.81 -14.28 15.59
C LYS B 226 19.43 -14.88 14.39
N ARG B 227 19.27 -14.20 13.27
CA ARG B 227 19.85 -14.59 12.00
C ARG B 227 21.41 -14.64 12.04
N HIS B 228 22.09 -13.94 12.97
CA HIS B 228 23.61 -13.85 12.95
C HIS B 228 24.41 -14.62 14.02
N ALA B 229 23.74 -15.11 15.06
CA ALA B 229 24.41 -15.94 16.04
C ALA B 229 24.35 -17.41 15.63
N THR B 230 25.11 -17.77 14.60
CA THR B 230 25.08 -19.12 14.08
C THR B 230 25.59 -20.16 15.08
N THR B 231 26.35 -19.75 16.11
CA THR B 231 26.94 -20.67 17.14
C THR B 231 26.54 -20.28 18.59
N PRO B 232 26.77 -21.18 19.57
CA PRO B 232 26.43 -20.82 20.97
C PRO B 232 27.22 -19.66 21.56
N GLU B 233 28.48 -19.50 21.16
CA GLU B 233 29.32 -18.42 21.68
C GLU B 233 28.86 -17.05 21.18
N MET B 234 28.38 -17.01 19.94
CA MET B 234 27.70 -15.83 19.36
C MET B 234 26.36 -15.53 20.05
N GLN B 235 25.62 -16.57 20.39
CA GLN B 235 24.38 -16.42 21.14
C GLN B 235 24.64 -15.89 22.52
N ARG B 236 25.65 -16.43 23.20
CA ARG B 236 26.02 -15.97 24.56
C ARG B 236 26.77 -14.60 24.54
N ALA B 237 27.46 -14.30 23.45
CA ALA B 237 27.96 -12.95 23.28
C ALA B 237 26.78 -11.93 23.26
N ALA B 238 25.75 -12.20 22.45
CA ALA B 238 24.53 -11.36 22.44
C ALA B 238 23.86 -11.27 23.81
N ILE B 239 23.66 -12.41 24.43
CA ILE B 239 22.99 -12.42 25.72
C ILE B 239 23.76 -11.51 26.70
N ASP B 240 25.11 -11.59 26.74
CA ASP B 240 25.96 -10.78 27.69
C ASP B 240 26.12 -9.33 27.28
N ALA B 241 25.94 -9.04 26.00
CA ALA B 241 25.88 -7.67 25.54
C ALA B 241 24.68 -6.96 26.10
N LEU B 242 23.51 -7.61 26.15
CA LEU B 242 22.29 -6.92 26.65
C LEU B 242 22.43 -6.64 28.14
N THR B 243 22.82 -7.69 28.84
CA THR B 243 23.21 -7.57 30.23
C THR B 243 24.24 -6.45 30.53
N PHE B 244 25.26 -6.28 29.68
CA PHE B 244 26.22 -5.16 29.77
C PHE B 244 25.45 -3.83 29.70
N LYS B 245 24.56 -3.66 28.71
CA LYS B 245 23.75 -2.44 28.62
C LYS B 245 22.94 -2.15 29.92
N CYS B 246 22.37 -3.20 30.51
CA CYS B 246 21.60 -3.06 31.74
C CYS B 246 22.55 -2.59 32.91
N ASN B 247 23.83 -2.94 32.84
CA ASN B 247 24.82 -2.52 33.82
C ASN B 247 25.24 -1.06 33.68
N VAL B 248 25.52 -0.63 32.45
CA VAL B 248 25.68 0.80 32.11
C VAL B 248 24.52 1.61 32.70
N LEU B 249 23.29 1.12 32.53
CA LEU B 249 22.14 1.86 32.97
C LEU B 249 22.22 1.81 34.47
N TRP B 250 22.13 0.60 35.01
CA TRP B 250 22.13 0.34 36.49
C TRP B 250 23.11 1.22 37.29
N THR B 251 24.37 1.30 36.81
CA THR B 251 25.42 1.92 37.63
C THR B 251 25.40 3.45 37.48
N GLN B 252 24.59 3.97 36.54
CA GLN B 252 24.32 5.42 36.46
C GLN B 252 23.40 5.76 37.56
N LEU B 253 22.42 4.89 37.75
CA LEU B 253 21.41 5.08 38.79
C LEU B 253 22.01 4.91 40.17
N ASP B 254 22.97 3.96 40.28
CA ASP B 254 23.74 3.78 41.51
C ASP B 254 24.38 5.08 41.94
N ALA B 255 24.98 5.81 41.01
CA ALA B 255 25.64 7.07 41.35
C ALA B 255 24.60 8.12 41.70
N LEU B 256 23.61 8.24 40.84
CA LEU B 256 22.47 9.08 41.18
C LEU B 256 22.01 8.81 42.66
N TYR B 257 21.83 7.53 43.05
CA TYR B 257 21.30 7.16 44.40
C TYR B 257 22.24 7.59 45.52
N PHE B 258 23.51 7.21 45.32
CA PHE B 258 24.61 7.47 46.26
C PHE B 258 24.81 8.95 46.47
N ALA B 259 24.96 9.69 45.39
CA ALA B 259 25.17 11.12 45.47
C ALA B 259 24.01 11.85 46.07
N TYR B 260 22.77 11.53 45.66
CA TYR B 260 21.69 12.46 45.93
C TYR B 260 20.45 11.96 46.61
N VAL B 261 20.34 10.67 46.93
CA VAL B 261 19.29 10.33 47.88
C VAL B 261 19.79 9.70 49.16
N ALA B 262 20.68 8.73 49.07
CA ALA B 262 21.08 8.05 50.30
C ALA B 262 22.44 7.32 50.23
N PRO B 263 23.48 7.82 50.90
CA PRO B 263 23.51 9.04 51.71
C PRO B 263 24.20 10.19 50.98
N GLY B 264 23.87 11.43 51.31
CA GLY B 264 24.08 12.56 50.38
C GLY B 264 25.49 12.91 49.94
N MET B 265 26.18 12.01 49.24
CA MET B 265 27.63 12.20 48.93
C MET B 265 27.99 12.78 47.51
N VAL B 266 27.82 14.09 47.30
CA VAL B 266 28.19 14.69 46.00
C VAL B 266 29.72 14.78 45.99
N PRO B 267 30.37 14.43 44.88
CA PRO B 267 31.73 14.95 44.57
C PRO B 267 31.67 16.48 44.13
N PRO B 268 32.54 17.00 43.17
CA PRO B 268 32.35 18.40 42.59
C PRO B 268 31.28 18.65 41.43
N ASP B 269 29.99 18.41 41.72
CA ASP B 269 28.99 18.15 40.68
C ASP B 269 27.62 18.85 40.92
N ALA B 270 26.51 18.22 40.52
CA ALA B 270 25.15 18.55 40.97
C ALA B 270 24.56 19.81 40.30
N TRP B 271 23.28 20.16 40.55
CA TRP B 271 22.88 21.60 40.53
C TRP B 271 22.67 22.18 39.16
N LEU C 37 4.86 -8.70 -38.01
CA LEU C 37 5.02 -7.21 -38.26
C LEU C 37 4.13 -6.59 -39.35
N SER C 38 3.96 -7.21 -40.54
CA SER C 38 3.00 -6.67 -41.56
C SER C 38 1.57 -7.13 -41.25
N HIS C 39 0.59 -6.56 -41.96
CA HIS C 39 -0.86 -6.73 -41.64
C HIS C 39 -1.32 -8.22 -41.71
N GLU C 40 -0.70 -8.96 -42.61
CA GLU C 40 -1.04 -10.35 -42.93
C GLU C 40 -0.29 -11.35 -42.01
N GLU C 41 0.95 -11.01 -41.68
CA GLU C 41 1.73 -11.70 -40.66
C GLU C 41 1.10 -11.38 -39.30
N LEU C 42 0.73 -10.12 -39.10
CA LEU C 42 0.06 -9.70 -37.87
C LEU C 42 -1.20 -10.56 -37.67
N GLU C 43 -2.04 -10.61 -38.70
CA GLU C 43 -3.21 -11.51 -38.80
C GLU C 43 -2.85 -13.01 -38.65
N ALA C 44 -1.85 -13.47 -39.39
CA ALA C 44 -1.41 -14.85 -39.25
C ALA C 44 -1.15 -15.19 -37.76
N ALA C 45 -0.52 -14.25 -37.04
CA ALA C 45 -0.20 -14.46 -35.61
C ALA C 45 -1.46 -14.46 -34.72
N LEU C 46 -2.42 -13.59 -35.02
CA LEU C 46 -3.66 -13.50 -34.25
C LEU C 46 -4.49 -14.78 -34.41
N ARG C 47 -4.51 -15.33 -35.62
CA ARG C 47 -5.26 -16.56 -35.92
C ARG C 47 -4.59 -17.76 -35.28
N ASP C 48 -3.27 -17.68 -35.11
CA ASP C 48 -2.52 -18.82 -34.62
C ASP C 48 -2.85 -19.05 -33.15
N ILE C 49 -2.92 -17.94 -32.42
CA ILE C 49 -3.48 -17.89 -31.06
C ILE C 49 -4.89 -18.49 -30.94
N GLY C 50 -5.73 -18.33 -31.95
CA GLY C 50 -6.98 -19.10 -32.00
C GLY C 50 -6.70 -20.61 -32.01
N ALA C 51 -5.82 -21.01 -32.92
CA ALA C 51 -5.59 -22.40 -33.20
C ALA C 51 -4.69 -23.09 -32.16
N ARG C 53 -5.12 -22.17 -28.47
CA ARG C 53 -5.57 -21.42 -27.25
C ARG C 53 -7.08 -21.02 -27.08
N TYR C 54 -7.87 -21.07 -28.15
CA TYR C 54 -9.30 -20.67 -28.13
C TYR C 54 -10.24 -21.73 -27.51
N HIS C 55 -11.38 -21.28 -26.93
CA HIS C 55 -12.13 -22.10 -25.97
C HIS C 55 -12.79 -23.41 -26.49
N ASN C 56 -12.86 -23.62 -27.81
CA ASN C 56 -13.32 -24.90 -28.39
C ASN C 56 -12.40 -26.07 -28.11
N LEU C 57 -11.13 -25.78 -27.79
CA LEU C 57 -10.17 -26.82 -27.35
C LEU C 57 -10.29 -27.22 -25.90
N HIS C 58 -11.00 -26.42 -25.10
CA HIS C 58 -11.15 -26.70 -23.67
C HIS C 58 -11.99 -27.95 -23.49
N PRO C 59 -11.62 -28.82 -22.56
CA PRO C 59 -12.34 -30.06 -22.32
C PRO C 59 -13.82 -29.96 -21.97
N PHE C 60 -14.21 -28.92 -21.25
CA PHE C 60 -15.61 -28.60 -21.06
C PHE C 60 -16.35 -28.33 -22.40
N HIS C 61 -15.71 -27.70 -23.39
CA HIS C 61 -16.35 -27.63 -24.74
C HIS C 61 -16.40 -28.98 -25.49
N ARG C 62 -15.25 -29.66 -25.64
CA ARG C 62 -15.17 -31.03 -26.15
C ARG C 62 -16.36 -31.84 -25.73
N LEU C 63 -16.54 -32.08 -24.42
CA LEU C 63 -17.70 -32.86 -23.93
C LEU C 63 -19.01 -32.32 -24.47
N LEU C 64 -19.31 -31.06 -24.14
CA LEU C 64 -20.54 -30.40 -24.55
C LEU C 64 -20.79 -30.59 -26.03
N HIS C 65 -19.80 -30.24 -26.85
CA HIS C 65 -19.93 -30.32 -28.32
C HIS C 65 -20.13 -31.74 -28.88
N ASP C 66 -19.66 -32.76 -28.15
CA ASP C 66 -19.75 -34.15 -28.56
C ASP C 66 -20.79 -34.92 -27.72
N GLY C 67 -21.92 -34.28 -27.43
CA GLY C 67 -23.04 -34.88 -26.68
C GLY C 67 -22.91 -35.52 -25.28
N LYS C 68 -21.82 -35.26 -24.52
CA LYS C 68 -21.41 -36.10 -23.32
C LYS C 68 -21.63 -35.56 -21.88
N LEU C 69 -22.21 -34.38 -21.73
CA LEU C 69 -22.43 -33.77 -20.43
C LEU C 69 -23.82 -34.01 -19.96
N SER C 70 -23.97 -34.28 -18.66
CA SER C 70 -25.28 -34.31 -18.02
C SER C 70 -26.08 -33.01 -18.23
N LYS C 71 -27.38 -33.09 -17.94
CA LYS C 71 -28.28 -31.96 -18.10
C LYS C 71 -28.01 -30.95 -17.00
N ASP C 72 -27.67 -31.42 -15.80
CA ASP C 72 -27.32 -30.46 -14.76
C ASP C 72 -26.07 -29.75 -15.20
N GLN C 73 -25.18 -30.47 -15.88
CA GLN C 73 -23.94 -29.87 -16.39
C GLN C 73 -24.11 -28.83 -17.47
N VAL C 74 -25.13 -29.00 -18.27
CA VAL C 74 -25.40 -28.10 -19.34
C VAL C 74 -26.10 -26.91 -18.71
N ARG C 75 -26.95 -27.12 -17.75
CA ARG C 75 -27.63 -26.02 -17.08
C ARG C 75 -26.66 -25.05 -16.42
N ALA C 76 -25.78 -25.63 -15.60
CA ALA C 76 -24.71 -24.90 -14.96
C ALA C 76 -24.03 -24.00 -16.00
N TRP C 77 -23.69 -24.61 -17.13
CA TRP C 77 -22.97 -23.92 -18.19
C TRP C 77 -23.73 -22.68 -18.54
N ALA C 78 -24.97 -22.91 -18.94
CA ALA C 78 -25.88 -21.83 -19.30
C ALA C 78 -26.07 -20.75 -18.22
N LEU C 79 -26.26 -21.17 -16.97
CA LEU C 79 -26.41 -20.24 -15.87
C LEU C 79 -25.23 -19.23 -15.76
N ASN C 80 -24.03 -19.80 -15.86
CA ASN C 80 -22.80 -19.04 -15.74
C ASN C 80 -22.54 -18.25 -17.01
N ARG C 81 -22.56 -18.90 -18.14
CA ARG C 81 -22.41 -18.16 -19.41
C ARG C 81 -23.40 -16.97 -19.57
N TYR C 82 -24.55 -16.95 -18.87
CA TYR C 82 -25.44 -15.74 -18.88
C TYR C 82 -24.65 -14.47 -18.56
N TYR C 83 -23.99 -14.48 -17.40
CA TYR C 83 -23.15 -13.39 -16.87
C TYR C 83 -22.11 -12.94 -17.86
N TYR C 84 -21.34 -13.83 -18.46
CA TYR C 84 -20.50 -13.41 -19.62
C TYR C 84 -21.21 -12.56 -20.71
N GLN C 85 -22.43 -12.98 -21.09
CA GLN C 85 -23.20 -12.35 -22.13
C GLN C 85 -23.78 -11.08 -21.60
N ALA C 86 -24.27 -11.13 -20.37
CA ALA C 86 -24.89 -9.98 -19.73
C ALA C 86 -23.99 -8.76 -19.52
N MET C 87 -22.69 -8.92 -19.77
CA MET C 87 -21.67 -7.92 -19.54
C MET C 87 -20.93 -7.57 -20.84
N ILE C 88 -21.22 -8.22 -21.96
CA ILE C 88 -20.58 -7.77 -23.18
C ILE C 88 -20.92 -6.34 -23.52
N PRO C 89 -22.22 -5.96 -23.53
CA PRO C 89 -22.52 -4.52 -23.65
C PRO C 89 -21.89 -3.60 -22.54
N VAL C 90 -21.65 -4.10 -21.31
CA VAL C 90 -21.02 -3.26 -20.25
C VAL C 90 -19.60 -2.98 -20.73
N LYS C 91 -18.94 -4.05 -21.07
CA LYS C 91 -17.68 -3.97 -21.80
C LYS C 91 -17.70 -3.03 -23.07
N ASP C 92 -18.64 -3.16 -24.00
CA ASP C 92 -18.56 -2.29 -25.20
C ASP C 92 -18.84 -0.78 -24.93
N ALA C 93 -19.63 -0.52 -23.89
CA ALA C 93 -19.94 0.83 -23.43
C ALA C 93 -18.76 1.40 -22.68
N ALA C 94 -18.18 0.60 -21.77
CA ALA C 94 -16.85 0.84 -21.16
C ALA C 94 -15.78 1.24 -22.19
N LEU C 95 -15.79 0.58 -23.33
CA LEU C 95 -14.84 0.85 -24.40
C LEU C 95 -15.28 2.06 -25.26
N LEU C 96 -16.58 2.23 -25.46
CA LEU C 96 -17.09 3.32 -26.28
C LEU C 96 -16.63 4.68 -25.75
N ALA C 97 -16.53 4.83 -24.41
CA ALA C 97 -16.35 6.14 -23.79
C ALA C 97 -14.90 6.59 -24.05
N ARG C 98 -14.08 5.60 -24.25
CA ARG C 98 -12.71 5.79 -24.58
C ARG C 98 -12.47 6.09 -26.04
N LEU C 99 -13.43 5.94 -26.91
CA LEU C 99 -13.20 6.26 -28.34
C LEU C 99 -13.10 7.82 -28.56
N PRO C 100 -12.18 8.29 -29.43
CA PRO C 100 -11.85 9.68 -29.50
C PRO C 100 -12.69 10.51 -30.45
N ASP C 101 -13.31 9.85 -31.42
CA ASP C 101 -14.22 10.54 -32.35
C ASP C 101 -15.57 9.85 -32.51
N ALA C 102 -16.55 10.66 -32.90
CA ALA C 102 -17.92 10.22 -33.19
C ALA C 102 -18.03 9.09 -34.21
N GLN C 103 -17.12 9.05 -35.16
CA GLN C 103 -17.23 8.07 -36.20
C GLN C 103 -16.97 6.67 -35.70
N LEU C 104 -15.93 6.55 -34.90
CA LEU C 104 -15.59 5.27 -34.27
C LEU C 104 -16.64 4.86 -33.24
N ARG C 105 -17.17 5.83 -32.49
CA ARG C 105 -18.24 5.52 -31.57
C ARG C 105 -19.47 4.91 -32.30
N ARG C 106 -20.04 5.61 -33.27
CA ARG C 106 -21.14 5.05 -34.06
C ARG C 106 -20.92 3.60 -34.35
N ILE C 107 -19.85 3.23 -35.03
CA ILE C 107 -19.54 1.82 -35.34
C ILE C 107 -19.57 0.89 -34.13
N TRP C 108 -18.68 1.09 -33.14
CA TRP C 108 -18.67 0.30 -31.91
C TRP C 108 -20.12 0.21 -31.32
N ARG C 109 -20.87 1.31 -31.32
CA ARG C 109 -22.23 1.29 -30.76
C ARG C 109 -23.10 0.16 -31.32
N GLN C 110 -22.89 -0.23 -32.57
CA GLN C 110 -23.61 -1.34 -33.17
C GLN C 110 -23.58 -2.61 -32.32
N ARG C 111 -22.45 -2.88 -31.63
CA ARG C 111 -22.32 -4.11 -30.82
C ARG C 111 -23.16 -4.00 -29.57
N ILE C 112 -23.30 -2.77 -29.06
CA ILE C 112 -24.14 -2.57 -27.84
C ILE C 112 -25.57 -2.90 -28.24
N VAL C 113 -25.96 -2.33 -29.41
CA VAL C 113 -27.29 -2.51 -30.01
C VAL C 113 -27.59 -4.02 -30.22
N ASP C 114 -26.64 -4.82 -30.70
CA ASP C 114 -26.88 -6.26 -30.82
C ASP C 114 -27.23 -6.97 -29.52
N HIS C 115 -26.70 -6.55 -28.38
CA HIS C 115 -26.79 -7.39 -27.19
C HIS C 115 -27.97 -6.86 -26.35
N ASP C 116 -28.00 -5.56 -26.09
CA ASP C 116 -29.09 -4.98 -25.30
C ASP C 116 -30.35 -5.00 -26.07
N GLY C 117 -30.24 -5.02 -27.40
CA GLY C 117 -31.37 -5.29 -28.30
C GLY C 117 -31.74 -4.05 -29.06
N GLY C 123 -32.79 -8.40 -27.58
CA GLY C 123 -31.83 -8.91 -28.56
C GLY C 123 -30.86 -9.97 -28.05
N GLY C 124 -29.54 -9.70 -28.04
CA GLY C 124 -28.54 -10.74 -27.72
C GLY C 124 -28.67 -11.37 -26.34
N ILE C 125 -28.70 -10.51 -25.33
CA ILE C 125 -28.91 -10.97 -23.94
C ILE C 125 -30.23 -11.78 -23.82
N GLU C 126 -31.28 -11.25 -24.44
CA GLU C 126 -32.62 -11.89 -24.53
C GLU C 126 -32.60 -13.31 -25.18
N ARG C 127 -31.94 -13.52 -26.34
CA ARG C 127 -31.67 -14.89 -26.78
C ARG C 127 -31.03 -15.67 -25.60
N TRP C 128 -30.00 -15.16 -24.90
CA TRP C 128 -29.35 -16.03 -23.89
C TRP C 128 -30.26 -16.49 -22.74
N LEU C 129 -31.09 -15.58 -22.21
CA LEU C 129 -32.11 -15.91 -21.19
C LEU C 129 -33.02 -17.08 -21.57
N LYS C 130 -33.37 -17.11 -22.86
CA LYS C 130 -34.29 -18.10 -23.42
C LYS C 130 -33.69 -19.50 -23.44
N LEU C 131 -32.42 -19.63 -23.82
CA LEU C 131 -31.72 -20.92 -23.68
C LEU C 131 -31.73 -21.45 -22.22
N ALA C 132 -31.55 -20.58 -21.22
CA ALA C 132 -31.48 -20.99 -19.80
C ALA C 132 -32.86 -21.23 -19.20
N GLU C 133 -33.81 -20.39 -19.61
CA GLU C 133 -35.24 -20.73 -19.46
C GLU C 133 -35.53 -22.05 -20.20
N GLY C 134 -35.00 -22.15 -21.42
CA GLY C 134 -35.06 -23.33 -22.26
C GLY C 134 -34.70 -24.64 -21.61
N VAL C 135 -33.68 -24.66 -20.76
CA VAL C 135 -33.31 -25.88 -20.00
C VAL C 135 -33.73 -25.86 -18.48
N GLY C 136 -34.76 -25.07 -18.14
CA GLY C 136 -35.42 -25.16 -16.84
C GLY C 136 -35.32 -24.01 -15.85
N PHE C 137 -34.48 -23.00 -16.09
CA PHE C 137 -34.33 -21.93 -15.12
C PHE C 137 -35.44 -20.85 -15.21
N THR C 138 -36.02 -20.47 -14.05
CA THR C 138 -36.83 -19.27 -13.97
C THR C 138 -36.00 -18.07 -14.44
N ARG C 139 -36.58 -17.22 -15.29
CA ARG C 139 -35.95 -15.94 -15.73
C ARG C 139 -35.35 -15.06 -14.61
N ASP C 140 -36.02 -15.03 -13.45
CA ASP C 140 -35.60 -14.22 -12.33
C ASP C 140 -34.38 -14.77 -11.62
N TYR C 141 -34.22 -16.10 -11.59
CA TYR C 141 -33.03 -16.72 -10.95
C TYR C 141 -31.73 -16.45 -11.77
N VAL C 142 -31.84 -16.54 -13.09
CA VAL C 142 -30.71 -16.35 -14.01
C VAL C 142 -30.17 -14.92 -13.97
N LEU C 143 -31.14 -14.02 -13.89
CA LEU C 143 -30.90 -12.59 -13.86
C LEU C 143 -30.11 -12.12 -12.65
N SER C 144 -30.37 -12.73 -11.50
CA SER C 144 -29.89 -12.21 -10.22
C SER C 144 -28.46 -12.69 -9.89
N THR C 145 -28.07 -13.79 -10.52
CA THR C 145 -26.71 -14.29 -10.53
C THR C 145 -26.30 -14.99 -9.24
N LYS C 146 -27.17 -15.00 -8.23
CA LYS C 146 -27.07 -15.90 -7.08
C LYS C 146 -26.22 -17.13 -7.35
N GLY C 147 -26.54 -17.86 -8.40
CA GLY C 147 -25.98 -19.19 -8.59
C GLY C 147 -24.69 -19.31 -9.36
N ILE C 148 -24.25 -18.21 -9.96
CA ILE C 148 -23.06 -18.25 -10.84
C ILE C 148 -21.78 -18.46 -10.00
N LEU C 149 -20.71 -18.90 -10.62
CA LEU C 149 -19.52 -19.12 -9.88
C LEU C 149 -18.70 -17.85 -9.79
N SER C 150 -18.10 -17.61 -8.62
CA SER C 150 -17.13 -16.56 -8.38
C SER C 150 -16.05 -16.49 -9.47
N ALA C 151 -15.56 -17.61 -9.98
CA ALA C 151 -14.54 -17.52 -11.04
C ALA C 151 -15.09 -16.95 -12.29
N THR C 152 -16.38 -17.15 -12.59
CA THR C 152 -16.89 -16.63 -13.83
C THR C 152 -16.93 -15.13 -13.63
N ARG C 153 -17.59 -14.74 -12.53
CA ARG C 153 -17.76 -13.36 -12.17
C ARG C 153 -16.44 -12.56 -12.27
N PHE C 154 -15.38 -13.10 -11.69
CA PHE C 154 -14.07 -12.49 -11.77
C PHE C 154 -13.55 -12.54 -13.16
N SER C 155 -13.64 -13.64 -13.88
CA SER C 155 -12.99 -13.58 -15.18
C SER C 155 -13.68 -12.54 -16.05
N VAL C 156 -15.03 -12.46 -15.95
CA VAL C 156 -15.85 -11.49 -16.72
C VAL C 156 -15.63 -10.06 -16.25
N ASP C 157 -15.48 -9.86 -14.95
CA ASP C 157 -15.23 -8.54 -14.50
C ASP C 157 -13.80 -8.18 -14.81
N ALA C 158 -12.92 -9.15 -14.90
CA ALA C 158 -11.60 -8.88 -15.44
C ALA C 158 -11.72 -8.34 -16.84
N TYR C 159 -12.66 -8.90 -17.63
CA TYR C 159 -12.76 -8.48 -19.02
C TYR C 159 -13.21 -7.01 -19.12
N VAL C 160 -14.10 -6.61 -18.22
CA VAL C 160 -14.62 -5.28 -18.24
C VAL C 160 -13.55 -4.27 -17.88
N HIS C 161 -12.70 -4.60 -16.92
CA HIS C 161 -11.68 -3.69 -16.47
C HIS C 161 -10.47 -3.57 -17.40
N PHE C 162 -10.08 -4.67 -18.06
CA PHE C 162 -8.98 -4.67 -19.10
C PHE C 162 -9.30 -3.55 -20.08
N VAL C 163 -10.49 -3.67 -20.65
CA VAL C 163 -11.02 -2.80 -21.66
C VAL C 163 -10.95 -1.32 -21.27
N SER C 164 -11.17 -1.01 -19.98
CA SER C 164 -11.08 0.37 -19.44
C SER C 164 -9.74 0.82 -18.87
N GLU C 165 -8.79 -0.09 -18.72
CA GLU C 165 -7.46 0.22 -18.10
C GLU C 165 -6.33 0.11 -19.10
N ARG C 166 -6.34 -1.00 -19.86
CA ARG C 166 -5.39 -1.20 -20.91
C ARG C 166 -5.63 -0.23 -22.04
N SER C 167 -4.78 -0.25 -23.06
CA SER C 167 -4.81 0.78 -24.08
C SER C 167 -5.91 0.47 -25.03
N LEU C 168 -6.30 1.49 -25.77
CA LEU C 168 -7.37 1.35 -26.71
C LEU C 168 -7.08 0.23 -27.73
N LEU C 169 -5.84 0.15 -28.22
CA LEU C 169 -5.48 -0.87 -29.22
C LEU C 169 -5.70 -2.30 -28.67
N GLU C 170 -5.29 -2.47 -27.41
CA GLU C 170 -5.47 -3.73 -26.68
C GLU C 170 -6.96 -4.01 -26.44
N ALA C 171 -7.69 -2.95 -26.05
CA ALA C 171 -9.12 -3.05 -25.76
C ALA C 171 -9.82 -3.50 -26.99
N ILE C 172 -9.47 -2.89 -28.11
CA ILE C 172 -10.06 -3.27 -29.40
C ILE C 172 -9.53 -4.66 -29.79
N ALA C 173 -8.26 -4.95 -29.58
CA ALA C 173 -7.76 -6.26 -29.98
C ALA C 173 -8.43 -7.46 -29.31
N SER C 174 -9.04 -7.23 -28.14
CA SER C 174 -9.61 -8.34 -27.38
C SER C 174 -10.99 -8.76 -27.82
N SER C 175 -11.56 -8.10 -28.81
CA SER C 175 -12.80 -8.61 -29.40
C SER C 175 -12.55 -9.70 -30.41
N LEU C 176 -11.32 -9.79 -30.93
CA LEU C 176 -11.01 -10.59 -32.11
C LEU C 176 -11.16 -12.11 -32.00
N THR C 177 -11.62 -12.63 -30.86
CA THR C 177 -12.13 -14.04 -30.80
C THR C 177 -13.36 -14.23 -31.69
N GLU C 178 -13.97 -13.14 -32.10
CA GLU C 178 -15.04 -13.18 -33.04
C GLU C 178 -14.64 -13.56 -34.43
N MET C 179 -13.33 -13.54 -34.73
CA MET C 179 -12.75 -14.26 -35.89
C MET C 179 -13.05 -15.75 -35.91
N PHE C 180 -13.40 -16.35 -34.76
CA PHE C 180 -13.41 -17.82 -34.57
C PHE C 180 -14.75 -18.52 -34.28
N SER C 181 -15.85 -17.79 -34.10
CA SER C 181 -17.19 -18.43 -33.97
C SER C 181 -17.69 -19.14 -35.25
N LYS C 194 -26.53 -30.38 -30.91
CA LYS C 194 -27.83 -30.88 -31.36
C LYS C 194 -27.85 -32.40 -31.27
N ASN C 195 -27.65 -32.80 -30.01
CA ASN C 195 -27.48 -34.16 -29.56
C ASN C 195 -28.11 -34.36 -28.17
N TYR C 196 -28.90 -33.39 -27.69
CA TYR C 196 -29.63 -33.47 -26.41
C TYR C 196 -31.12 -33.33 -26.78
N ASP C 197 -31.92 -34.36 -26.52
CA ASP C 197 -33.38 -34.29 -26.74
C ASP C 197 -33.97 -32.95 -26.22
N PHE C 198 -33.61 -32.56 -25.00
CA PHE C 198 -33.78 -31.18 -24.53
C PHE C 198 -32.88 -30.27 -25.40
N ALA C 218 -16.31 -7.32 -36.30
CA ALA C 218 -15.15 -8.23 -36.28
C ALA C 218 -14.05 -8.11 -37.41
N ASP C 219 -14.46 -7.81 -38.64
CA ASP C 219 -13.53 -7.33 -39.72
C ASP C 219 -13.13 -5.88 -39.51
N PHE C 220 -13.94 -5.13 -38.77
CA PHE C 220 -13.60 -3.75 -38.37
C PHE C 220 -12.50 -3.70 -37.28
N ALA C 221 -12.59 -4.59 -36.29
CA ALA C 221 -11.58 -4.65 -35.24
C ALA C 221 -10.29 -5.03 -35.90
N LEU C 222 -10.34 -6.06 -36.74
CA LEU C 222 -9.10 -6.55 -37.34
C LEU C 222 -8.46 -5.52 -38.26
N ASP C 223 -9.25 -4.74 -38.99
CA ASP C 223 -8.64 -3.63 -39.73
C ASP C 223 -7.96 -2.62 -38.79
N TYR C 224 -8.60 -2.38 -37.64
CA TYR C 224 -8.22 -1.34 -36.71
C TYR C 224 -6.88 -1.60 -36.11
N VAL C 225 -6.72 -2.81 -35.59
CA VAL C 225 -5.49 -3.22 -34.95
C VAL C 225 -4.32 -3.14 -35.97
N LYS C 226 -4.58 -3.47 -37.23
CA LYS C 226 -3.55 -3.45 -38.27
C LYS C 226 -2.95 -2.06 -38.57
N ARG C 227 -3.80 -1.04 -38.49
CA ARG C 227 -3.46 0.31 -38.86
C ARG C 227 -2.87 1.08 -37.66
N HIS C 228 -3.12 0.60 -36.44
CA HIS C 228 -2.76 1.31 -35.17
C HIS C 228 -1.64 0.65 -34.34
N ALA C 229 -1.51 -0.69 -34.42
CA ALA C 229 -0.30 -1.39 -33.99
C ALA C 229 0.81 -1.07 -34.96
N THR C 230 1.43 0.10 -34.74
CA THR C 230 2.49 0.62 -35.61
C THR C 230 3.86 0.11 -35.24
N THR C 231 4.08 -0.13 -33.95
CA THR C 231 5.41 -0.54 -33.49
C THR C 231 5.43 -2.00 -32.96
N PRO C 232 6.63 -2.62 -32.88
CA PRO C 232 6.71 -4.02 -32.36
C PRO C 232 6.00 -4.27 -31.04
N GLU C 233 6.13 -3.32 -30.12
CA GLU C 233 5.54 -3.38 -28.77
C GLU C 233 4.03 -3.40 -28.87
N MET C 234 3.49 -2.41 -29.61
CA MET C 234 2.04 -2.34 -29.85
C MET C 234 1.60 -3.68 -30.39
N GLN C 235 2.31 -4.15 -31.42
CA GLN C 235 1.94 -5.41 -32.08
C GLN C 235 1.84 -6.59 -31.09
N ARG C 236 2.75 -6.67 -30.14
CA ARG C 236 2.69 -7.77 -29.16
C ARG C 236 1.55 -7.54 -28.14
N ALA C 237 1.26 -6.29 -27.82
CA ALA C 237 0.14 -5.97 -26.93
C ALA C 237 -1.17 -6.49 -27.55
N ALA C 238 -1.33 -6.23 -28.85
CA ALA C 238 -2.40 -6.76 -29.67
C ALA C 238 -2.55 -8.26 -29.46
N ILE C 239 -1.44 -8.96 -29.61
CA ILE C 239 -1.33 -10.42 -29.46
C ILE C 239 -1.59 -10.86 -28.02
N ASP C 240 -0.94 -10.20 -27.06
CA ASP C 240 -1.20 -10.38 -25.61
C ASP C 240 -2.68 -10.20 -25.25
N ALA C 241 -3.28 -9.14 -25.78
CA ALA C 241 -4.69 -8.81 -25.56
C ALA C 241 -5.64 -9.91 -26.02
N LEU C 242 -5.30 -10.56 -27.11
CA LEU C 242 -6.13 -11.65 -27.58
C LEU C 242 -6.06 -12.87 -26.69
N THR C 243 -4.88 -13.07 -26.10
CA THR C 243 -4.57 -14.20 -25.24
C THR C 243 -5.30 -13.97 -23.93
N PHE C 244 -5.43 -12.68 -23.57
CA PHE C 244 -6.09 -12.33 -22.33
C PHE C 244 -7.51 -12.81 -22.54
N LYS C 245 -8.09 -12.43 -23.68
CA LYS C 245 -9.45 -12.84 -24.03
C LYS C 245 -9.57 -14.37 -23.89
N CYS C 246 -8.66 -15.09 -24.48
CA CYS C 246 -8.77 -16.51 -24.48
C CYS C 246 -8.71 -17.05 -23.07
N ASN C 247 -7.77 -16.54 -22.27
CA ASN C 247 -7.70 -16.88 -20.83
C ASN C 247 -9.02 -16.60 -20.07
N VAL C 248 -9.61 -15.39 -20.24
CA VAL C 248 -10.90 -15.04 -19.64
C VAL C 248 -11.83 -16.19 -19.87
N LEU C 249 -11.94 -16.58 -21.13
CA LEU C 249 -12.83 -17.65 -21.54
C LEU C 249 -12.37 -18.99 -21.09
N TRP C 250 -11.05 -19.22 -21.17
CA TRP C 250 -10.48 -20.49 -20.77
C TRP C 250 -10.77 -20.76 -19.28
N THR C 251 -10.65 -19.73 -18.45
CA THR C 251 -10.77 -19.99 -17.03
C THR C 251 -12.20 -20.06 -16.54
N GLN C 252 -13.16 -19.43 -17.26
CA GLN C 252 -14.60 -19.66 -16.99
C GLN C 252 -14.79 -21.17 -17.02
N LEU C 253 -14.31 -21.76 -18.11
CA LEU C 253 -14.49 -23.17 -18.36
C LEU C 253 -13.79 -24.02 -17.35
N ASP C 254 -12.54 -23.72 -16.99
CA ASP C 254 -11.92 -24.47 -15.92
C ASP C 254 -12.86 -24.58 -14.69
N ALA C 255 -13.44 -23.43 -14.31
CA ALA C 255 -14.22 -23.30 -13.07
C ALA C 255 -15.40 -24.26 -13.09
N LEU C 256 -15.95 -24.36 -14.29
CA LEU C 256 -17.23 -24.98 -14.55
C LEU C 256 -16.99 -26.46 -14.59
N TYR C 257 -15.81 -26.87 -15.07
CA TYR C 257 -15.32 -28.26 -15.04
C TYR C 257 -15.02 -28.64 -13.60
N PHE C 258 -14.22 -27.83 -12.90
CA PHE C 258 -13.95 -28.05 -11.50
C PHE C 258 -15.24 -28.32 -10.70
N ALA C 259 -16.19 -27.43 -10.89
CA ALA C 259 -17.36 -27.35 -10.03
C ALA C 259 -18.37 -28.40 -10.35
N TYR C 260 -18.45 -28.83 -11.62
CA TYR C 260 -19.60 -29.55 -12.17
C TYR C 260 -19.35 -30.80 -13.04
N VAL C 261 -18.13 -31.07 -13.49
CA VAL C 261 -17.87 -32.41 -14.08
C VAL C 261 -16.89 -33.28 -13.33
N ALA C 262 -15.81 -32.73 -12.77
CA ALA C 262 -14.91 -33.51 -11.91
C ALA C 262 -13.83 -32.60 -11.33
N PRO C 263 -13.67 -32.55 -10.02
CA PRO C 263 -14.28 -33.45 -9.05
C PRO C 263 -15.69 -33.05 -8.56
N GLY C 264 -16.04 -31.77 -8.69
CA GLY C 264 -17.42 -31.32 -8.48
C GLY C 264 -17.78 -30.70 -7.14
N MET C 265 -17.30 -29.49 -6.84
CA MET C 265 -17.47 -28.87 -5.52
C MET C 265 -18.09 -27.41 -5.66
N VAL C 266 -18.19 -26.64 -4.57
CA VAL C 266 -18.10 -25.09 -4.48
C VAL C 266 -19.29 -24.43 -3.72
N PRO C 267 -19.06 -23.41 -2.83
CA PRO C 267 -20.19 -22.87 -2.01
C PRO C 267 -21.14 -22.01 -2.86
N PRO C 268 -22.18 -21.35 -2.27
CA PRO C 268 -23.48 -21.03 -2.92
C PRO C 268 -23.50 -20.85 -4.43
N HIS D 39 19.68 13.59 -21.66
CA HIS D 39 19.36 13.83 -20.20
C HIS D 39 19.52 15.31 -19.88
N GLU D 40 20.59 15.87 -20.41
CA GLU D 40 21.00 17.24 -20.17
C GLU D 40 20.22 18.19 -21.08
N GLU D 41 19.80 17.68 -22.26
CA GLU D 41 18.80 18.34 -23.15
C GLU D 41 17.50 18.43 -22.36
N LEU D 42 16.97 17.25 -21.99
CA LEU D 42 15.65 17.09 -21.35
C LEU D 42 15.44 17.84 -20.02
N GLU D 43 16.38 17.76 -19.11
CA GLU D 43 16.31 18.59 -17.92
C GLU D 43 16.13 20.07 -18.29
N ALA D 44 16.92 20.64 -19.21
CA ALA D 44 16.76 22.07 -19.62
C ALA D 44 15.36 22.30 -20.20
N ALA D 45 14.98 21.37 -21.09
CA ALA D 45 13.63 21.30 -21.72
C ALA D 45 12.50 21.46 -20.69
N LEU D 46 12.64 20.70 -19.61
CA LEU D 46 11.71 20.73 -18.48
C LEU D 46 11.77 22.05 -17.68
N ARG D 47 12.98 22.57 -17.43
CA ARG D 47 13.20 23.87 -16.70
C ARG D 47 12.64 25.06 -17.48
N ASP D 48 12.86 25.08 -18.79
CA ASP D 48 12.24 26.07 -19.70
C ASP D 48 10.73 26.31 -19.48
N ILE D 49 10.02 25.21 -19.29
CA ILE D 49 8.60 25.24 -18.99
C ILE D 49 8.31 25.96 -17.67
N GLY D 50 9.31 26.04 -16.80
CA GLY D 50 9.29 27.01 -15.68
C GLY D 50 9.26 28.49 -16.06
N ALA D 51 9.41 28.79 -17.36
CA ALA D 51 9.37 30.15 -17.86
C ALA D 51 8.85 30.23 -19.32
N ARG D 53 5.57 29.31 -17.89
CA ARG D 53 4.34 28.52 -17.71
C ARG D 53 3.97 28.20 -16.25
N TYR D 54 4.99 28.02 -15.39
CA TYR D 54 4.79 27.78 -13.96
C TYR D 54 4.23 29.04 -13.24
N HIS D 55 3.57 28.86 -12.10
CA HIS D 55 2.75 29.90 -11.49
C HIS D 55 3.42 31.13 -10.77
N ASN D 56 4.75 31.29 -10.83
CA ASN D 56 5.44 32.58 -10.35
C ASN D 56 4.94 33.76 -11.20
N LEU D 57 4.96 33.51 -12.51
CA LEU D 57 4.65 34.46 -13.56
C LEU D 57 3.19 34.91 -13.61
N HIS D 58 2.33 34.29 -12.82
CA HIS D 58 0.91 34.61 -12.88
C HIS D 58 0.64 35.90 -12.09
N PRO D 59 -0.21 36.80 -12.66
CA PRO D 59 -0.74 38.01 -12.04
C PRO D 59 -1.25 37.86 -10.61
N PHE D 60 -2.03 36.83 -10.31
CA PHE D 60 -2.46 36.64 -8.93
C PHE D 60 -1.29 36.42 -7.99
N HIS D 61 -0.23 35.80 -8.51
CA HIS D 61 0.98 35.51 -7.73
C HIS D 61 1.86 36.72 -7.61
N ARG D 62 2.00 37.47 -8.70
CA ARG D 62 2.71 38.73 -8.67
C ARG D 62 2.11 39.63 -7.59
N LEU D 63 0.80 39.87 -7.65
CA LEU D 63 0.09 40.59 -6.56
C LEU D 63 0.28 40.04 -5.12
N LEU D 64 0.33 38.71 -4.92
CA LEU D 64 0.52 38.16 -3.56
C LEU D 64 1.93 38.43 -3.16
N HIS D 65 2.86 38.03 -4.02
CA HIS D 65 4.31 38.17 -3.84
C HIS D 65 4.74 39.64 -3.63
N ASP D 66 4.16 40.64 -4.33
CA ASP D 66 4.48 42.08 -4.03
C ASP D 66 3.57 42.77 -2.99
N GLY D 67 2.84 42.05 -2.14
CA GLY D 67 2.09 42.69 -1.04
C GLY D 67 0.83 43.54 -1.30
N LYS D 68 0.35 43.59 -2.55
CA LYS D 68 -0.77 44.50 -2.94
C LYS D 68 -2.20 43.95 -2.78
N LEU D 69 -2.37 42.66 -2.51
CA LEU D 69 -3.71 42.07 -2.38
C LEU D 69 -4.39 42.40 -1.05
N SER D 70 -5.73 42.44 -1.07
CA SER D 70 -6.52 42.87 0.12
C SER D 70 -6.52 41.85 1.20
N LYS D 71 -7.13 42.16 2.34
CA LYS D 71 -7.28 41.10 3.36
C LYS D 71 -8.18 39.95 2.84
N ASP D 72 -9.33 40.27 2.23
CA ASP D 72 -10.24 39.22 1.74
C ASP D 72 -9.59 38.34 0.65
N GLN D 73 -8.77 38.98 -0.22
CA GLN D 73 -8.17 38.27 -1.36
C GLN D 73 -7.14 37.23 -0.97
N VAL D 74 -6.46 37.45 0.16
CA VAL D 74 -5.58 36.43 0.76
C VAL D 74 -6.42 35.24 1.29
N ARG D 75 -7.55 35.56 1.90
CA ARG D 75 -8.42 34.53 2.42
C ARG D 75 -8.88 33.58 1.28
N ALA D 76 -9.18 34.15 0.12
CA ALA D 76 -9.59 33.38 -1.06
C ALA D 76 -8.46 32.45 -1.41
N TRP D 77 -7.29 33.01 -1.67
CA TRP D 77 -6.10 32.24 -1.93
C TRP D 77 -5.89 31.12 -0.89
N ALA D 78 -6.04 31.42 0.39
CA ALA D 78 -5.71 30.45 1.42
C ALA D 78 -6.67 29.31 1.40
N LEU D 79 -7.94 29.68 1.28
CA LEU D 79 -9.06 28.73 1.32
C LEU D 79 -9.10 27.77 0.15
N ASN D 80 -8.75 28.27 -1.03
CA ASN D 80 -8.65 27.46 -2.23
C ASN D 80 -7.41 26.61 -2.23
N ARG D 81 -6.28 27.17 -1.82
CA ARG D 81 -5.04 26.43 -1.84
C ARG D 81 -5.02 25.24 -0.85
N TYR D 82 -5.73 25.35 0.28
CA TYR D 82 -5.91 24.21 1.20
C TYR D 82 -6.45 23.02 0.40
N TYR D 83 -7.51 23.23 -0.37
CA TYR D 83 -8.13 22.12 -1.08
C TYR D 83 -7.16 21.49 -2.04
N TYR D 84 -6.30 22.28 -2.67
CA TYR D 84 -5.17 21.72 -3.40
C TYR D 84 -4.22 20.91 -2.51
N GLN D 85 -3.84 21.47 -1.35
CA GLN D 85 -2.92 20.78 -0.46
C GLN D 85 -3.57 19.50 0.09
N ALA D 86 -4.84 19.58 0.45
CA ALA D 86 -5.51 18.48 1.16
C ALA D 86 -5.70 17.22 0.28
N MET D 87 -5.45 17.42 -1.02
CA MET D 87 -5.65 16.46 -2.03
C MET D 87 -4.38 16.00 -2.72
N ILE D 88 -3.23 16.61 -2.39
CA ILE D 88 -1.91 16.09 -2.81
C ILE D 88 -1.65 14.67 -2.33
N PRO D 89 -1.98 14.37 -1.08
CA PRO D 89 -1.73 13.00 -0.75
C PRO D 89 -2.72 12.04 -1.41
N VAL D 90 -3.96 12.47 -1.65
CA VAL D 90 -4.99 11.64 -2.35
C VAL D 90 -4.53 11.31 -3.76
N LYS D 91 -3.95 12.31 -4.43
CA LYS D 91 -3.26 12.09 -5.69
C LYS D 91 -2.04 11.14 -5.56
N ASP D 92 -1.25 11.21 -4.48
CA ASP D 92 -0.05 10.34 -4.32
C ASP D 92 -0.44 8.91 -3.94
N ALA D 93 -1.51 8.78 -3.16
CA ALA D 93 -2.19 7.51 -2.94
C ALA D 93 -2.70 6.84 -4.23
N ALA D 94 -3.31 7.61 -5.14
CA ALA D 94 -3.75 7.04 -6.43
C ALA D 94 -2.55 6.50 -7.20
N LEU D 95 -1.45 7.23 -7.16
CA LEU D 95 -0.17 6.88 -7.85
C LEU D 95 0.51 5.65 -7.23
N LEU D 96 0.58 5.65 -5.89
CA LEU D 96 1.03 4.50 -5.11
C LEU D 96 0.34 3.22 -5.55
N ALA D 97 -0.98 3.26 -5.56
CA ALA D 97 -1.78 2.15 -6.10
C ALA D 97 -1.27 1.62 -7.45
N ARG D 98 -0.73 2.48 -8.33
CA ARG D 98 -0.22 2.07 -9.68
C ARG D 98 1.27 1.78 -9.90
N LEU D 99 2.15 2.08 -8.94
CA LEU D 99 3.59 1.78 -9.08
C LEU D 99 3.83 0.27 -8.97
N PRO D 100 4.67 -0.31 -9.84
CA PRO D 100 4.77 -1.76 -10.06
C PRO D 100 5.47 -2.63 -9.01
N ASP D 101 5.95 -2.07 -7.92
CA ASP D 101 6.61 -2.88 -6.89
C ASP D 101 7.00 -2.08 -5.65
N ALA D 102 7.33 -2.81 -4.59
CA ALA D 102 7.41 -2.22 -3.30
C ALA D 102 8.59 -1.23 -3.10
N GLN D 103 9.62 -1.31 -3.95
CA GLN D 103 10.79 -0.43 -3.80
C GLN D 103 10.39 1.01 -4.09
N LEU D 104 9.73 1.22 -5.23
CA LEU D 104 9.17 2.52 -5.62
C LEU D 104 8.04 3.01 -4.72
N ARG D 105 7.23 2.08 -4.22
CA ARG D 105 6.10 2.44 -3.32
C ARG D 105 6.59 2.98 -1.98
N ARG D 106 7.64 2.30 -1.48
CA ARG D 106 8.44 2.74 -0.34
C ARG D 106 8.93 4.15 -0.55
N ILE D 107 9.64 4.42 -1.66
CA ILE D 107 10.21 5.76 -1.86
C ILE D 107 8.98 6.72 -1.92
N TRP D 108 7.97 6.40 -2.74
CA TRP D 108 6.89 7.36 -2.97
C TRP D 108 6.05 7.69 -1.75
N ARG D 109 5.80 6.71 -0.90
CA ARG D 109 4.86 6.94 0.22
C ARG D 109 5.36 7.90 1.31
N GLN D 110 6.65 8.29 1.23
CA GLN D 110 7.14 9.38 2.08
C GLN D 110 6.30 10.66 1.82
N ARG D 111 5.99 10.89 0.53
CA ARG D 111 5.19 12.04 0.15
C ARG D 111 3.86 12.05 0.91
N ILE D 112 3.32 10.86 1.14
CA ILE D 112 2.02 10.75 1.86
C ILE D 112 2.20 11.06 3.33
N VAL D 113 3.24 10.44 3.88
CA VAL D 113 3.69 10.73 5.23
C VAL D 113 4.00 12.21 5.42
N ASP D 114 4.68 12.88 4.47
CA ASP D 114 4.85 14.35 4.50
C ASP D 114 3.51 14.97 4.84
N HIS D 115 2.52 14.73 3.97
CA HIS D 115 1.35 15.59 3.92
C HIS D 115 0.31 15.27 4.99
N ASP D 116 0.31 14.01 5.45
CA ASP D 116 -0.55 13.58 6.55
C ASP D 116 0.06 13.49 7.99
N GLY D 117 1.35 13.14 8.19
CA GLY D 117 1.99 12.97 9.55
C GLY D 117 1.69 11.73 10.42
N ASP D 122 1.46 16.19 13.28
CA ASP D 122 0.68 16.26 12.06
C ASP D 122 1.52 16.94 11.00
N GLY D 123 1.09 16.83 9.75
CA GLY D 123 2.00 16.98 8.62
C GLY D 123 1.85 18.31 7.95
N GLY D 124 2.32 18.39 6.71
CA GLY D 124 2.05 19.54 5.86
C GLY D 124 0.59 20.00 5.59
N ILE D 125 -0.45 19.14 5.60
CA ILE D 125 -1.83 19.64 5.36
C ILE D 125 -2.24 20.45 6.61
N GLU D 126 -1.83 19.96 7.79
CA GLU D 126 -2.00 20.73 9.03
C GLU D 126 -1.35 22.13 9.01
N ARG D 127 -0.19 22.28 8.36
CA ARG D 127 0.53 23.55 8.39
C ARG D 127 -0.11 24.60 7.46
N TRP D 128 -0.95 24.13 6.53
CA TRP D 128 -1.80 24.95 5.59
C TRP D 128 -3.20 25.31 6.09
N LEU D 129 -3.66 24.56 7.08
CA LEU D 129 -4.77 24.97 7.91
C LEU D 129 -4.41 26.17 8.75
N LYS D 130 -3.17 26.17 9.21
CA LYS D 130 -2.76 27.17 10.14
C LYS D 130 -2.69 28.49 9.40
N LEU D 131 -2.07 28.56 8.21
CA LEU D 131 -2.18 29.80 7.39
C LEU D 131 -3.66 30.23 7.30
N ALA D 132 -4.54 29.24 7.07
CA ALA D 132 -5.99 29.49 6.96
C ALA D 132 -6.66 30.00 8.24
N GLU D 133 -6.54 29.31 9.37
CA GLU D 133 -7.01 29.87 10.66
C GLU D 133 -6.35 31.25 10.98
N GLY D 134 -5.07 31.36 10.64
CA GLY D 134 -4.36 32.63 10.60
C GLY D 134 -5.01 33.82 9.92
N VAL D 135 -5.81 33.59 8.89
CA VAL D 135 -6.39 34.72 8.17
C VAL D 135 -7.79 35.09 8.70
N GLY D 136 -8.31 34.27 9.61
CA GLY D 136 -9.64 34.52 10.21
C GLY D 136 -10.65 33.40 10.02
N PHE D 137 -10.25 32.37 9.29
CA PHE D 137 -11.14 31.24 9.04
C PHE D 137 -11.21 30.38 10.30
N THR D 138 -12.40 29.85 10.54
CA THR D 138 -12.64 28.88 11.60
C THR D 138 -12.23 27.49 11.07
N ARG D 139 -11.62 26.66 11.91
CA ARG D 139 -11.18 25.31 11.59
C ARG D 139 -12.18 24.57 10.73
N ASP D 140 -13.43 24.62 11.17
CA ASP D 140 -14.50 23.81 10.59
C ASP D 140 -14.83 24.18 9.16
N TYR D 141 -14.66 25.46 8.80
CA TYR D 141 -15.07 25.96 7.47
C TYR D 141 -14.05 25.58 6.38
N VAL D 142 -12.78 25.79 6.67
CA VAL D 142 -11.74 25.37 5.75
C VAL D 142 -11.84 23.86 5.45
N LEU D 143 -11.93 23.03 6.51
CA LEU D 143 -12.05 21.57 6.38
C LEU D 143 -13.12 21.21 5.41
N SER D 144 -14.32 21.77 5.61
CA SER D 144 -15.53 21.34 4.88
C SER D 144 -15.53 21.56 3.37
N THR D 145 -14.63 22.42 2.90
CA THR D 145 -14.57 22.85 1.52
C THR D 145 -15.78 23.66 1.05
N LYS D 146 -16.68 24.05 1.95
CA LYS D 146 -18.01 24.63 1.59
C LYS D 146 -17.87 25.75 0.56
N GLY D 147 -16.95 26.69 0.78
CA GLY D 147 -16.76 27.85 -0.14
C GLY D 147 -15.66 27.93 -1.23
N ILE D 148 -14.99 26.84 -1.60
CA ILE D 148 -13.97 26.95 -2.64
C ILE D 148 -14.59 27.19 -4.03
N LEU D 149 -13.78 27.64 -4.97
CA LEU D 149 -14.24 27.82 -6.31
C LEU D 149 -14.33 26.48 -7.05
N SER D 150 -15.42 26.25 -7.78
CA SER D 150 -15.52 25.06 -8.63
C SER D 150 -14.25 24.94 -9.56
N ALA D 151 -13.66 26.05 -9.94
CA ALA D 151 -12.47 25.98 -10.77
C ALA D 151 -11.31 25.29 -10.06
N THR D 152 -11.23 25.37 -8.73
CA THR D 152 -10.09 24.75 -8.09
C THR D 152 -10.51 23.36 -7.80
N ARG D 153 -11.80 23.12 -7.58
CA ARG D 153 -12.24 21.74 -7.36
C ARG D 153 -12.00 20.86 -8.57
N PHE D 154 -12.25 21.42 -9.73
CA PHE D 154 -12.10 20.72 -10.99
C PHE D 154 -10.65 20.53 -11.38
N SER D 155 -9.83 21.56 -11.15
CA SER D 155 -8.39 21.49 -11.50
C SER D 155 -7.74 20.40 -10.70
N VAL D 156 -8.03 20.37 -9.40
CA VAL D 156 -7.55 19.30 -8.53
C VAL D 156 -8.16 17.96 -8.90
N ASP D 157 -9.47 17.92 -9.25
CA ASP D 157 -10.10 16.68 -9.73
C ASP D 157 -9.18 16.21 -10.83
N ALA D 158 -8.73 17.13 -11.68
CA ALA D 158 -7.99 16.78 -12.91
C ALA D 158 -6.63 16.22 -12.70
N TYR D 159 -5.84 16.80 -11.80
CA TYR D 159 -4.56 16.21 -11.43
C TYR D 159 -4.72 14.75 -10.91
N VAL D 160 -5.69 14.55 -10.03
CA VAL D 160 -5.85 13.30 -9.40
C VAL D 160 -6.22 12.25 -10.45
N HIS D 161 -6.90 12.65 -11.52
CA HIS D 161 -7.27 11.70 -12.56
C HIS D 161 -6.14 11.58 -13.52
N PHE D 162 -5.44 12.66 -13.74
CA PHE D 162 -4.21 12.58 -14.55
C PHE D 162 -3.32 11.47 -14.03
N VAL D 163 -3.17 11.39 -12.72
CA VAL D 163 -2.22 10.48 -12.15
C VAL D 163 -2.79 9.06 -12.12
N SER D 164 -4.13 8.93 -12.30
CA SER D 164 -4.77 7.62 -12.34
C SER D 164 -4.84 6.96 -13.69
N GLU D 165 -4.93 7.78 -14.74
CA GLU D 165 -5.17 7.35 -16.14
C GLU D 165 -3.94 7.39 -17.05
N ARG D 166 -3.07 8.37 -16.85
CA ARG D 166 -2.00 8.58 -17.78
C ARG D 166 -0.95 7.53 -17.45
N SER D 167 0.12 7.48 -18.20
CA SER D 167 1.22 6.62 -17.88
C SER D 167 2.03 7.08 -16.61
N LEU D 168 2.84 6.18 -16.05
CA LEU D 168 3.59 6.45 -14.82
C LEU D 168 4.68 7.46 -15.09
N LEU D 169 5.32 7.35 -16.25
CA LEU D 169 6.29 8.34 -16.70
C LEU D 169 5.61 9.71 -16.62
N GLU D 170 4.45 9.79 -17.24
CA GLU D 170 3.70 11.01 -17.25
C GLU D 170 3.28 11.41 -15.82
N ALA D 171 2.75 10.49 -15.07
CA ALA D 171 2.20 10.85 -13.79
C ALA D 171 3.30 11.25 -12.82
N ILE D 172 4.47 10.60 -12.85
CA ILE D 172 5.66 11.09 -12.07
C ILE D 172 6.18 12.44 -12.64
N ALA D 173 6.27 12.54 -13.96
CA ALA D 173 6.64 13.81 -14.56
C ALA D 173 5.80 15.03 -14.10
N SER D 174 4.53 14.82 -13.75
CA SER D 174 3.65 15.94 -13.28
C SER D 174 4.07 16.48 -11.92
N SER D 175 4.62 15.64 -11.04
CA SER D 175 5.04 16.12 -9.72
C SER D 175 6.22 17.13 -9.78
N LEU D 176 6.91 17.19 -10.93
CA LEU D 176 8.11 18.01 -11.06
C LEU D 176 7.99 19.52 -10.78
N THR D 177 6.80 20.10 -10.67
CA THR D 177 6.75 21.52 -10.25
C THR D 177 7.64 21.83 -9.04
N GLU D 178 7.78 20.88 -8.11
CA GLU D 178 8.61 21.04 -6.91
C GLU D 178 10.11 21.46 -7.15
N MET D 179 10.61 21.21 -8.35
CA MET D 179 11.92 21.71 -8.79
C MET D 179 12.05 23.23 -8.77
N PHE D 180 10.91 23.95 -8.85
CA PHE D 180 10.87 25.42 -8.81
C PHE D 180 10.36 26.06 -7.47
N SER D 181 10.40 25.32 -6.34
CA SER D 181 9.92 25.81 -5.03
C SER D 181 10.36 27.23 -4.65
N MET D 192 9.32 36.14 1.39
CA MET D 192 8.47 35.52 0.38
C MET D 192 6.97 35.69 0.70
N LEU D 193 6.66 36.24 1.88
CA LEU D 193 5.30 36.25 2.46
C LEU D 193 5.01 37.47 3.40
N LYS D 194 5.93 37.69 4.36
CA LYS D 194 5.83 38.73 5.42
C LYS D 194 5.71 40.20 4.90
N ASN D 195 4.54 40.53 4.35
CA ASN D 195 4.19 41.92 3.93
C ASN D 195 2.78 42.36 4.33
N TYR D 196 1.90 41.44 4.64
CA TYR D 196 0.54 41.78 5.04
C TYR D 196 0.58 41.77 6.56
N ASP D 197 0.58 42.96 7.15
CA ASP D 197 0.71 43.13 8.61
C ASP D 197 -0.11 42.19 9.53
N PHE D 198 -1.41 42.04 9.26
CA PHE D 198 -2.28 41.07 10.00
C PHE D 198 -1.78 39.59 10.03
N ILE D 199 -1.01 39.17 9.00
CA ILE D 199 -0.27 37.89 9.04
C ILE D 199 0.53 37.84 10.36
N THR D 200 -0.04 37.14 11.34
CA THR D 200 0.45 37.11 12.72
C THR D 200 1.85 36.44 12.90
N LYS D 201 2.33 36.40 14.14
CA LYS D 201 3.60 35.77 14.47
C LYS D 201 3.46 34.26 14.21
N ASP D 202 2.75 33.55 15.10
CA ASP D 202 2.63 32.07 15.08
C ASP D 202 1.85 31.59 13.83
N THR D 203 2.52 31.70 12.69
CA THR D 203 1.96 31.50 11.34
C THR D 203 3.11 31.42 10.34
N LEU D 204 3.98 32.46 10.36
CA LEU D 204 5.24 32.48 9.59
C LEU D 204 6.31 31.44 10.07
N ALA D 205 6.14 30.94 11.29
CA ALA D 205 6.97 29.84 11.86
C ALA D 205 6.65 28.49 11.27
N TYR D 206 5.58 28.42 10.46
CA TYR D 206 5.25 27.25 9.67
C TYR D 206 5.68 27.40 8.18
N PHE D 207 6.70 28.24 7.90
CA PHE D 207 7.24 28.44 6.53
C PHE D 207 8.77 28.71 6.48
N ASP D 208 9.53 28.06 7.38
CA ASP D 208 10.98 28.26 7.47
C ASP D 208 11.73 26.95 7.85
N LYS D 209 11.54 26.44 9.07
CA LYS D 209 12.39 25.33 9.61
C LYS D 209 11.58 24.44 10.54
N ALA D 218 13.75 14.56 -3.67
CA ALA D 218 13.57 15.82 -4.42
C ALA D 218 13.89 15.62 -5.94
N ASP D 219 15.06 15.02 -6.19
CA ASP D 219 15.54 14.64 -7.54
C ASP D 219 15.09 13.23 -8.01
N PHE D 220 14.50 12.41 -7.13
CA PHE D 220 14.00 11.09 -7.54
C PHE D 220 13.14 11.13 -8.80
N ALA D 221 12.22 12.10 -8.84
CA ALA D 221 11.35 12.24 -10.01
C ALA D 221 12.18 12.43 -11.31
N LEU D 222 13.18 13.30 -11.19
CA LEU D 222 13.99 13.64 -12.35
C LEU D 222 15.00 12.54 -12.74
N ASP D 223 15.42 11.71 -11.76
CA ASP D 223 16.13 10.42 -12.01
C ASP D 223 15.24 9.66 -12.89
N TYR D 224 14.05 9.38 -12.34
CA TYR D 224 13.10 8.40 -12.89
C TYR D 224 12.75 8.69 -14.30
N VAL D 225 12.42 9.97 -14.58
CA VAL D 225 11.98 10.41 -15.91
C VAL D 225 13.09 10.21 -16.91
N LYS D 226 14.25 10.77 -16.59
CA LYS D 226 15.49 10.64 -17.39
C LYS D 226 15.74 9.18 -17.76
N ARG D 227 15.70 8.31 -16.76
CA ARG D 227 15.98 6.89 -17.00
C ARG D 227 14.90 6.22 -17.84
N HIS D 228 13.64 6.63 -17.68
CA HIS D 228 12.49 5.94 -18.28
C HIS D 228 11.85 6.62 -19.54
N ALA D 229 12.25 7.85 -19.90
CA ALA D 229 11.81 8.50 -21.15
C ALA D 229 12.81 8.15 -22.26
N THR D 230 12.55 7.01 -22.89
CA THR D 230 13.52 6.29 -23.71
C THR D 230 13.28 6.48 -25.21
N THR D 231 12.04 6.64 -25.65
CA THR D 231 11.75 7.04 -27.05
C THR D 231 11.48 8.55 -27.03
N PRO D 232 11.24 9.16 -28.21
CA PRO D 232 10.90 10.58 -28.18
C PRO D 232 9.43 10.87 -27.83
N GLU D 233 8.48 9.96 -28.09
CA GLU D 233 7.10 10.21 -27.62
C GLU D 233 7.08 10.36 -26.11
N MET D 234 7.90 9.53 -25.43
CA MET D 234 7.97 9.49 -23.96
C MET D 234 8.53 10.81 -23.38
N GLN D 235 9.58 11.34 -23.98
CA GLN D 235 10.09 12.63 -23.52
C GLN D 235 9.14 13.78 -23.70
N ARG D 236 8.40 13.76 -24.81
CA ARG D 236 7.31 14.72 -25.07
C ARG D 236 6.18 14.58 -24.06
N ALA D 237 5.68 13.35 -23.89
CA ALA D 237 4.69 13.04 -22.86
C ALA D 237 5.00 13.74 -21.53
N ALA D 238 6.24 13.53 -21.05
CA ALA D 238 6.73 14.05 -19.76
C ALA D 238 6.93 15.57 -19.70
N ILE D 239 7.25 16.15 -20.86
CA ILE D 239 7.19 17.62 -21.09
C ILE D 239 5.74 18.14 -21.00
N ASP D 240 4.80 17.37 -21.59
CA ASP D 240 3.35 17.64 -21.54
C ASP D 240 2.72 17.44 -20.16
N ALA D 241 3.25 16.52 -19.36
CA ALA D 241 2.72 16.27 -18.02
C ALA D 241 3.02 17.46 -17.12
N LEU D 242 4.20 18.05 -17.33
CA LEU D 242 4.63 19.22 -16.57
C LEU D 242 3.85 20.49 -17.05
N THR D 243 3.77 20.70 -18.35
CA THR D 243 2.86 21.69 -18.90
C THR D 243 1.45 21.59 -18.30
N PHE D 244 0.97 20.35 -18.15
CA PHE D 244 -0.35 20.04 -17.60
C PHE D 244 -0.44 20.43 -16.13
N LYS D 245 0.49 19.94 -15.33
CA LYS D 245 0.60 20.42 -13.95
C LYS D 245 0.60 22.00 -13.86
N CYS D 246 1.27 22.67 -14.81
CA CYS D 246 1.28 24.12 -14.80
C CYS D 246 -0.12 24.64 -15.12
N ASN D 247 -0.72 24.13 -16.21
CA ASN D 247 -2.11 24.44 -16.56
C ASN D 247 -3.00 24.19 -15.35
N VAL D 248 -2.79 23.10 -14.61
CA VAL D 248 -3.56 22.84 -13.40
C VAL D 248 -3.45 24.04 -12.45
N LEU D 249 -2.23 24.40 -12.09
CA LEU D 249 -2.02 25.44 -11.08
C LEU D 249 -2.53 26.80 -11.58
N TRP D 250 -2.25 27.08 -12.85
CA TRP D 250 -2.51 28.37 -13.47
C TRP D 250 -3.98 28.69 -13.48
N THR D 251 -4.83 27.66 -13.59
CA THR D 251 -6.26 27.86 -13.63
C THR D 251 -6.82 28.21 -12.25
N GLN D 252 -6.37 27.51 -11.21
CA GLN D 252 -6.74 27.90 -9.82
C GLN D 252 -6.55 29.38 -9.56
N LEU D 253 -5.43 29.90 -10.04
CA LEU D 253 -5.14 31.34 -10.01
C LEU D 253 -5.97 32.19 -10.99
N ASP D 254 -6.19 31.73 -12.23
CA ASP D 254 -7.13 32.43 -13.16
C ASP D 254 -8.44 32.71 -12.45
N ALA D 255 -8.96 31.71 -11.71
CA ALA D 255 -10.28 31.77 -11.03
C ALA D 255 -10.27 32.64 -9.80
N LEU D 256 -9.25 32.49 -9.00
CA LEU D 256 -9.05 33.31 -7.84
C LEU D 256 -9.00 34.80 -8.22
N TYR D 257 -8.22 35.09 -9.26
CA TYR D 257 -8.12 36.43 -9.83
C TYR D 257 -9.50 36.97 -10.27
N PHE D 258 -10.06 36.34 -11.31
CA PHE D 258 -11.43 36.55 -11.81
C PHE D 258 -12.49 36.78 -10.72
N ALA D 259 -12.56 35.84 -9.80
CA ALA D 259 -13.59 35.88 -8.80
C ALA D 259 -13.35 36.94 -7.73
N TYR D 260 -12.08 37.29 -7.47
CA TYR D 260 -11.76 38.11 -6.28
C TYR D 260 -10.95 39.38 -6.46
N VAL D 261 -10.36 39.60 -7.64
CA VAL D 261 -9.80 40.93 -7.97
C VAL D 261 -10.43 41.65 -9.15
N ALA D 262 -10.59 41.01 -10.29
CA ALA D 262 -10.97 41.77 -11.43
C ALA D 262 -11.53 40.89 -12.51
N PRO D 263 -12.85 40.92 -12.77
CA PRO D 263 -13.90 41.65 -12.01
C PRO D 263 -14.24 40.92 -10.71
N GLY D 264 -15.38 41.23 -10.04
CA GLY D 264 -15.86 40.46 -8.81
C GLY D 264 -16.26 38.99 -8.99
#